data_4R54
#
_entry.id   4R54
#
_cell.length_a   59.537
_cell.length_b   98.806
_cell.length_c   64.098
_cell.angle_alpha   90.00
_cell.angle_beta   101.16
_cell.angle_gamma   90.00
#
_symmetry.space_group_name_H-M   'P 1 21 1'
#
loop_
_entity.id
_entity.type
_entity.pdbx_description
1 polymer 'Aspartate-semialdehyde dehydrogenase'
2 non-polymer 'SODIUM ION'
3 non-polymer 'NADP NICOTINAMIDE-ADENINE-DINUCLEOTIDE PHOSPHATE'
4 non-polymer 'ACETATE ION'
5 non-polymer '3-(2-carboxyethyl)benzene-1,2-dicarboxylic acid'
6 water water
#
_entity_poly.entity_id   1
_entity_poly.type   'polypeptide(L)'
_entity_poly.pdbx_seq_one_letter_code
;MGYTVAVVGATGAVGAQMIKMLEESTLPIDKIRYLASARSAGKSLKFKDQDITIEETTETAFEGVDIALFSAGSSTSAKY
APYAVKAGVVVVDNTSYFRQNPDVPLVVPEVNAHALDAHNGIIACPNCSTIQMMVALEPVRQKWGLDRIIVSTYQAVSGA
GMGAILETQRELREVLNDGVKPCDLHAEILPSGGDKKHYPIAFNALPQIDVFTDNDYTYEEMKMTKETKKIMEDDSIAVS
ATCVRIPVLSAHSESVYIETKEVAPIEEVKAAIAAFPGAVLEDDVAHQIYPQAINAVGSRDTFVGRIRKDLDAEKGIHMW
VVSDNLLKGAAWNSVQIAETLHERGLVRPTAELKFELKLEHHHHHH
;
_entity_poly.pdbx_strand_id   A,B
#
loop_
_chem_comp.id
_chem_comp.type
_chem_comp.name
_chem_comp.formula
3JM non-polymer '3-(2-carboxyethyl)benzene-1,2-dicarboxylic acid' 'C11 H10 O6'
ACT non-polymer 'ACETATE ION' 'C2 H3 O2 -1'
NA non-polymer 'SODIUM ION' 'Na 1'
NAP non-polymer 'NADP NICOTINAMIDE-ADENINE-DINUCLEOTIDE PHOSPHATE' 'C21 H28 N7 O17 P3'
#
# COMPACT_ATOMS: atom_id res chain seq x y z
N GLY A 2 43.42 4.96 12.50
CA GLY A 2 41.94 4.96 12.53
C GLY A 2 41.42 6.30 12.11
N TYR A 3 40.09 6.42 11.94
CA TYR A 3 39.48 7.62 11.40
C TYR A 3 38.83 8.46 12.49
N THR A 4 38.76 9.76 12.23
CA THR A 4 37.82 10.64 12.92
C THR A 4 36.55 10.71 12.10
N VAL A 5 35.43 10.28 12.69
CA VAL A 5 34.16 10.23 11.99
C VAL A 5 33.14 11.17 12.65
N ALA A 6 32.50 11.99 11.83
CA ALA A 6 31.46 12.87 12.33
C ALA A 6 30.08 12.42 11.82
N VAL A 7 29.07 12.41 12.69
CA VAL A 7 27.70 12.15 12.30
C VAL A 7 26.95 13.46 12.38
N VAL A 8 26.55 14.01 11.23
CA VAL A 8 25.80 15.27 11.17
C VAL A 8 24.31 14.94 11.17
N GLY A 9 23.60 15.45 12.16
CA GLY A 9 22.21 15.02 12.45
C GLY A 9 22.17 13.75 13.29
N ALA A 10 22.95 13.72 14.37
CA ALA A 10 23.14 12.54 15.21
C ALA A 10 21.94 12.20 16.10
N THR A 11 21.07 13.19 16.33
CA THR A 11 19.96 13.10 17.29
C THR A 11 18.63 12.68 16.71
N GLY A 12 18.51 12.58 15.39
CA GLY A 12 17.22 12.26 14.77
C GLY A 12 17.03 10.75 14.56
N ALA A 13 16.02 10.40 13.78
CA ALA A 13 15.65 9.02 13.54
C ALA A 13 16.78 8.28 12.82
N VAL A 14 17.30 8.87 11.74
CA VAL A 14 18.39 8.29 10.99
C VAL A 14 19.65 8.29 11.83
N GLY A 15 19.92 9.39 12.52
CA GLY A 15 21.12 9.52 13.29
C GLY A 15 21.29 8.50 14.38
N ALA A 16 20.21 8.11 15.04
CA ALA A 16 20.27 7.07 16.04
C ALA A 16 20.72 5.74 15.41
N GLN A 17 20.25 5.47 14.20
CA GLN A 17 20.67 4.24 13.52
C GLN A 17 22.08 4.38 12.93
N MET A 18 22.48 5.59 12.56
CA MET A 18 23.86 5.81 12.11
CA MET A 18 23.87 5.84 12.14
C MET A 18 24.82 5.45 13.25
N ILE A 19 24.46 5.85 14.47
CA ILE A 19 25.25 5.54 15.66
C ILE A 19 25.33 4.05 15.89
N LYS A 20 24.19 3.38 15.84
CA LYS A 20 24.18 1.91 16.00
C LYS A 20 25.01 1.19 14.91
N MET A 21 24.84 1.59 13.66
CA MET A 21 25.58 0.95 12.56
C MET A 21 27.09 1.21 12.67
N LEU A 22 27.46 2.39 13.17
CA LEU A 22 28.88 2.71 13.39
C LEU A 22 29.43 1.93 14.56
N GLU A 23 28.63 1.82 15.63
CA GLU A 23 29.01 1.01 16.78
C GLU A 23 29.30 -0.43 16.35
N GLU A 24 28.60 -0.90 15.33
CA GLU A 24 28.69 -2.28 14.87
C GLU A 24 29.54 -2.43 13.61
N SER A 25 30.19 -1.35 13.20
CA SER A 25 30.92 -1.31 11.94
C SER A 25 32.32 -1.87 12.09
N THR A 26 32.93 -2.23 10.95
CA THR A 26 34.33 -2.64 10.88
C THR A 26 35.29 -1.47 10.65
N LEU A 27 34.76 -0.29 10.41
CA LEU A 27 35.57 0.93 10.30
C LEU A 27 36.47 1.12 11.53
N PRO A 28 37.79 1.37 11.34
CA PRO A 28 38.64 1.66 12.49
C PRO A 28 38.42 3.12 12.91
N ILE A 29 37.72 3.31 14.01
CA ILE A 29 37.35 4.66 14.43
C ILE A 29 38.14 5.05 15.68
N ASP A 30 38.96 6.09 15.55
CA ASP A 30 39.75 6.62 16.68
C ASP A 30 38.96 7.67 17.44
N LYS A 31 38.17 8.47 16.72
CA LYS A 31 37.37 9.51 17.36
C LYS A 31 36.00 9.67 16.67
N ILE A 32 34.96 9.79 17.49
CA ILE A 32 33.59 10.10 17.06
C ILE A 32 33.17 11.52 17.47
N ARG A 33 32.59 12.25 16.52
CA ARG A 33 32.00 13.55 16.81
C ARG A 33 30.53 13.51 16.41
N TYR A 34 29.69 14.10 17.25
CA TYR A 34 28.24 14.23 16.97
C TYR A 34 27.84 15.68 16.73
N LEU A 35 27.25 15.92 15.56
CA LEU A 35 26.81 17.26 15.18
C LEU A 35 25.31 17.26 14.91
N ALA A 36 24.66 18.35 15.31
CA ALA A 36 23.24 18.54 15.14
C ALA A 36 22.98 20.05 15.04
N SER A 37 21.83 20.54 15.49
CA SER A 37 21.53 21.96 15.38
C SER A 37 21.91 22.68 16.66
N ALA A 38 21.79 24.00 16.68
CA ALA A 38 21.91 24.72 17.94
C ALA A 38 21.05 24.11 19.07
N ARG A 39 19.87 23.56 18.73
CA ARG A 39 18.96 23.02 19.75
C ARG A 39 19.56 21.90 20.60
N SER A 40 20.26 20.97 19.97
CA SER A 40 20.87 19.84 20.67
C SER A 40 22.29 20.09 21.17
N ALA A 41 22.92 21.17 20.68
CA ALA A 41 24.31 21.49 21.03
C ALA A 41 24.46 21.62 22.53
N GLY A 42 25.44 20.89 23.08
CA GLY A 42 25.65 20.85 24.51
C GLY A 42 25.08 19.64 25.19
N LYS A 43 24.06 19.01 24.60
CA LYS A 43 23.53 17.76 25.17
C LYS A 43 24.52 16.63 24.93
N SER A 44 24.29 15.49 25.55
CA SER A 44 25.22 14.35 25.49
C SER A 44 24.54 13.11 24.93
N LEU A 45 25.35 12.25 24.32
CA LEU A 45 24.83 11.03 23.68
C LEU A 45 25.94 9.99 23.68
N LYS A 46 25.58 8.73 23.88
CA LYS A 46 26.56 7.65 23.91
C LYS A 46 27.11 7.25 22.55
N PHE A 47 28.39 6.92 22.51
CA PHE A 47 28.94 6.02 21.51
C PHE A 47 29.53 4.88 22.30
N LYS A 48 28.92 3.71 22.17
CA LYS A 48 29.19 2.57 23.03
C LYS A 48 29.05 3.03 24.49
N ASP A 49 30.12 3.04 25.26
CA ASP A 49 30.05 3.47 26.67
C ASP A 49 30.48 4.94 26.87
N GLN A 50 31.04 5.55 25.83
CA GLN A 50 31.56 6.91 25.92
C GLN A 50 30.45 7.94 25.76
N ASP A 51 30.48 8.98 26.60
CA ASP A 51 29.62 10.15 26.45
C ASP A 51 30.24 11.07 25.41
N ILE A 52 29.41 11.55 24.48
CA ILE A 52 29.87 12.42 23.43
C ILE A 52 29.01 13.66 23.48
N THR A 53 29.65 14.82 23.56
CA THR A 53 28.90 16.08 23.58
C THR A 53 28.53 16.49 22.16
N ILE A 54 27.26 16.78 21.95
CA ILE A 54 26.77 17.20 20.65
C ILE A 54 27.23 18.62 20.33
N GLU A 55 27.65 18.85 19.08
CA GLU A 55 28.10 20.15 18.63
C GLU A 55 27.17 20.73 17.58
N GLU A 56 27.04 22.05 17.54
CA GLU A 56 26.34 22.75 16.46
C GLU A 56 27.07 22.53 15.13
N THR A 57 26.33 22.34 14.05
CA THR A 57 26.96 22.18 12.76
C THR A 57 27.23 23.56 12.19
N THR A 58 28.48 23.82 11.81
CA THR A 58 28.89 25.10 11.21
C THR A 58 29.96 24.87 10.15
N GLU A 59 30.28 25.93 9.43
CA GLU A 59 31.34 25.92 8.41
C GLU A 59 32.69 25.47 8.96
N THR A 60 32.94 25.67 10.25
CA THR A 60 34.26 25.41 10.85
C THR A 60 34.31 24.15 11.71
N ALA A 61 33.26 23.34 11.69
CA ALA A 61 33.17 22.21 12.60
C ALA A 61 33.94 20.96 12.14
N PHE A 62 34.60 21.02 10.99
CA PHE A 62 35.09 19.79 10.32
C PHE A 62 36.58 19.58 10.31
N GLU A 63 37.32 20.43 11.01
CA GLU A 63 38.78 20.29 11.04
C GLU A 63 39.15 18.97 11.70
N GLY A 64 40.06 18.24 11.08
CA GLY A 64 40.51 16.95 11.60
C GLY A 64 39.60 15.77 11.25
N VAL A 65 38.45 16.03 10.63
CA VAL A 65 37.50 14.94 10.33
C VAL A 65 37.87 14.23 9.03
N ASP A 66 37.87 12.90 9.05
CA ASP A 66 38.16 12.10 7.84
C ASP A 66 36.92 11.78 7.04
N ILE A 67 35.87 11.40 7.75
CA ILE A 67 34.62 10.97 7.16
C ILE A 67 33.47 11.62 7.91
N ALA A 68 32.56 12.26 7.17
CA ALA A 68 31.33 12.77 7.76
C ALA A 68 30.09 12.16 7.10
N LEU A 69 29.20 11.63 7.94
CA LEU A 69 27.92 11.10 7.49
C LEU A 69 26.84 12.14 7.75
N PHE A 70 26.21 12.63 6.68
CA PHE A 70 25.26 13.72 6.77
C PHE A 70 23.84 13.17 6.72
N SER A 71 23.06 13.43 7.77
CA SER A 71 21.64 13.13 7.72
C SER A 71 20.82 14.12 8.52
N ALA A 72 20.89 15.38 8.11
CA ALA A 72 20.26 16.47 8.84
C ALA A 72 19.42 17.36 7.94
N GLY A 73 19.05 16.85 6.77
CA GLY A 73 18.18 17.56 5.84
C GLY A 73 18.97 18.19 4.72
N SER A 74 18.32 18.36 3.57
CA SER A 74 18.94 18.87 2.35
C SER A 74 19.60 20.21 2.52
N SER A 75 18.92 21.12 3.21
N SER A 75 18.92 21.13 3.20
CA SER A 75 19.43 22.45 3.50
CA SER A 75 19.47 22.46 3.46
C SER A 75 20.78 22.39 4.22
C SER A 75 20.79 22.40 4.23
N THR A 76 20.84 21.60 5.30
CA THR A 76 22.08 21.42 6.05
C THR A 76 23.21 20.83 5.17
N SER A 77 22.91 19.85 4.32
CA SER A 77 23.94 19.33 3.44
C SER A 77 24.37 20.38 2.41
N ALA A 78 23.39 21.08 1.85
CA ALA A 78 23.68 22.12 0.88
C ALA A 78 24.61 23.18 1.47
N LYS A 79 24.35 23.55 2.72
CA LYS A 79 25.11 24.63 3.37
C LYS A 79 26.49 24.21 3.88
N TYR A 80 26.60 22.98 4.37
CA TYR A 80 27.81 22.59 5.09
C TYR A 80 28.67 21.51 4.45
N ALA A 81 28.09 20.63 3.64
CA ALA A 81 28.89 19.55 3.06
C ALA A 81 30.05 20.09 2.21
N PRO A 82 29.83 21.18 1.43
CA PRO A 82 30.98 21.69 0.65
C PRO A 82 32.13 22.26 1.49
N TYR A 83 31.80 22.82 2.64
CA TYR A 83 32.81 23.24 3.59
C TYR A 83 33.56 22.04 4.18
N ALA A 84 32.86 20.95 4.47
CA ALA A 84 33.54 19.73 4.91
C ALA A 84 34.49 19.23 3.82
N VAL A 85 34.03 19.25 2.57
CA VAL A 85 34.88 18.82 1.45
C VAL A 85 36.10 19.73 1.32
N LYS A 86 35.88 21.05 1.41
CA LYS A 86 36.98 22.01 1.34
C LYS A 86 38.01 21.75 2.46
N ALA A 87 37.53 21.42 3.64
CA ALA A 87 38.38 21.07 4.77
C ALA A 87 39.14 19.75 4.59
N GLY A 88 38.70 18.90 3.65
CA GLY A 88 39.40 17.65 3.31
C GLY A 88 38.64 16.37 3.70
N VAL A 89 37.36 16.52 4.07
CA VAL A 89 36.52 15.44 4.56
C VAL A 89 36.04 14.63 3.35
N VAL A 90 35.79 13.34 3.58
CA VAL A 90 34.98 12.60 2.63
C VAL A 90 33.55 12.54 3.22
N VAL A 91 32.59 13.07 2.48
CA VAL A 91 31.20 13.18 2.93
C VAL A 91 30.36 12.07 2.32
N VAL A 92 29.58 11.40 3.16
CA VAL A 92 28.55 10.50 2.70
C VAL A 92 27.24 11.19 3.06
N ASP A 93 26.54 11.70 2.04
CA ASP A 93 25.33 12.46 2.23
C ASP A 93 24.09 11.63 2.03
N ASN A 94 23.28 11.61 3.08
CA ASN A 94 22.06 10.86 3.06
C ASN A 94 20.85 11.62 2.51
N THR A 95 21.01 12.87 2.10
CA THR A 95 19.90 13.67 1.61
C THR A 95 19.79 13.63 0.10
N SER A 96 18.73 14.23 -0.43
CA SER A 96 18.52 14.29 -1.87
C SER A 96 19.38 15.33 -2.59
N TYR A 97 20.01 16.24 -1.85
CA TYR A 97 20.51 17.47 -2.45
C TYR A 97 21.51 17.29 -3.59
N PHE A 98 22.51 16.44 -3.41
CA PHE A 98 23.59 16.28 -4.38
C PHE A 98 23.40 15.06 -5.31
N ARG A 99 22.27 14.36 -5.17
CA ARG A 99 22.11 13.05 -5.84
C ARG A 99 22.20 13.09 -7.36
N GLN A 100 21.73 14.20 -7.96
CA GLN A 100 21.69 14.34 -9.42
C GLN A 100 22.81 15.22 -9.97
N ASN A 101 23.83 15.47 -9.16
CA ASN A 101 25.02 16.19 -9.61
C ASN A 101 25.98 15.22 -10.25
N PRO A 102 26.44 15.49 -11.50
CA PRO A 102 27.27 14.50 -12.21
C PRO A 102 28.66 14.28 -11.60
N ASP A 103 29.06 15.15 -10.67
CA ASP A 103 30.33 14.98 -9.92
C ASP A 103 30.19 14.13 -8.67
N VAL A 104 28.99 13.64 -8.41
CA VAL A 104 28.66 12.93 -7.19
C VAL A 104 28.18 11.50 -7.51
N PRO A 105 28.92 10.48 -7.05
CA PRO A 105 28.46 9.10 -7.14
C PRO A 105 27.21 8.89 -6.25
N LEU A 106 26.24 8.16 -6.76
CA LEU A 106 24.95 7.86 -6.08
C LEU A 106 24.93 6.37 -5.92
N VAL A 107 25.27 5.91 -4.72
CA VAL A 107 25.73 4.54 -4.59
C VAL A 107 24.94 3.60 -3.67
N VAL A 108 24.68 2.40 -4.20
CA VAL A 108 24.30 1.25 -3.42
C VAL A 108 25.46 0.26 -3.63
N PRO A 109 26.24 -0.06 -2.57
CA PRO A 109 27.49 -0.74 -2.80
C PRO A 109 27.41 -2.08 -3.57
N GLU A 110 26.30 -2.81 -3.42
CA GLU A 110 26.16 -4.12 -4.10
C GLU A 110 25.93 -3.91 -5.60
N VAL A 111 25.48 -2.72 -5.96
CA VAL A 111 25.07 -2.44 -7.33
C VAL A 111 26.16 -1.71 -8.10
N ASN A 112 26.62 -0.58 -7.56
CA ASN A 112 27.56 0.27 -8.29
C ASN A 112 28.71 0.84 -7.44
N ALA A 113 29.35 -0.03 -6.65
CA ALA A 113 30.50 0.35 -5.87
C ALA A 113 31.62 0.97 -6.70
N HIS A 114 31.79 0.51 -7.93
CA HIS A 114 32.79 1.10 -8.83
C HIS A 114 32.70 2.65 -8.97
N ALA A 115 31.49 3.20 -8.90
CA ALA A 115 31.29 4.66 -9.07
C ALA A 115 31.96 5.46 -7.97
N LEU A 116 32.20 4.80 -6.82
CA LEU A 116 32.96 5.41 -5.70
C LEU A 116 34.37 5.89 -6.11
N ASP A 117 35.00 5.18 -7.05
CA ASP A 117 36.41 5.44 -7.39
C ASP A 117 36.67 6.87 -7.87
N ALA A 118 35.68 7.47 -8.53
CA ALA A 118 35.85 8.80 -9.14
C ALA A 118 35.27 9.92 -8.29
N HIS A 119 35.08 9.69 -7.00
CA HIS A 119 34.39 10.67 -6.16
C HIS A 119 35.23 11.93 -6.01
N ASN A 120 34.53 13.03 -5.72
CA ASN A 120 35.13 14.33 -5.51
C ASN A 120 34.85 14.88 -4.12
N GLY A 121 34.65 13.98 -3.16
CA GLY A 121 34.54 14.35 -1.77
C GLY A 121 33.11 14.14 -1.24
N ILE A 122 32.14 14.02 -2.13
CA ILE A 122 30.76 13.69 -1.73
C ILE A 122 30.23 12.42 -2.43
N ILE A 123 29.75 11.48 -1.62
CA ILE A 123 29.08 10.29 -2.10
C ILE A 123 27.65 10.38 -1.58
N ALA A 124 26.68 10.33 -2.48
CA ALA A 124 25.26 10.39 -2.09
C ALA A 124 24.68 9.01 -1.88
N CYS A 125 23.99 8.86 -0.75
CA CYS A 125 23.15 7.70 -0.48
C CYS A 125 21.77 8.00 -1.13
N PRO A 126 21.23 7.06 -1.94
CA PRO A 126 19.92 7.31 -2.56
C PRO A 126 18.79 7.29 -1.55
N ASN A 127 17.61 7.65 -2.00
CA ASN A 127 16.37 7.50 -1.24
C ASN A 127 16.10 6.04 -0.85
N CYS A 128 15.56 5.83 0.36
CA CYS A 128 15.30 4.50 0.91
C CYS A 128 14.54 3.60 -0.04
N SER A 129 13.44 4.14 -0.59
CA SER A 129 12.59 3.38 -1.47
C SER A 129 13.33 2.92 -2.71
N THR A 130 14.14 3.82 -3.26
CA THR A 130 14.99 3.47 -4.38
C THR A 130 16.00 2.39 -4.01
N ILE A 131 16.63 2.55 -2.86
CA ILE A 131 17.70 1.63 -2.49
C ILE A 131 17.23 0.18 -2.49
N GLN A 132 16.14 -0.11 -1.76
CA GLN A 132 15.69 -1.47 -1.65
C GLN A 132 15.25 -2.06 -2.99
N MET A 133 14.64 -1.23 -3.84
CA MET A 133 14.23 -1.67 -5.17
C MET A 133 15.44 -2.04 -6.03
N MET A 134 16.49 -1.26 -5.89
CA MET A 134 17.75 -1.50 -6.62
C MET A 134 18.41 -2.81 -6.23
N VAL A 135 18.36 -3.13 -4.93
CA VAL A 135 18.92 -4.39 -4.46
C VAL A 135 18.13 -5.59 -5.00
N ALA A 136 16.80 -5.48 -5.05
CA ALA A 136 15.97 -6.54 -5.58
C ALA A 136 16.15 -6.72 -7.08
N LEU A 137 16.24 -5.62 -7.81
CA LEU A 137 16.20 -5.64 -9.28
C LEU A 137 17.55 -5.76 -9.98
N GLU A 138 18.63 -5.32 -9.34
CA GLU A 138 19.93 -5.40 -10.03
C GLU A 138 20.29 -6.82 -10.51
N PRO A 139 20.09 -7.84 -9.66
CA PRO A 139 20.38 -9.20 -10.14
C PRO A 139 19.51 -9.64 -11.31
N VAL A 140 18.31 -9.09 -11.40
CA VAL A 140 17.45 -9.36 -12.55
C VAL A 140 17.98 -8.67 -13.78
N ARG A 141 18.31 -7.38 -13.65
CA ARG A 141 18.80 -6.59 -14.77
C ARG A 141 20.10 -7.16 -15.36
N GLN A 142 20.98 -7.67 -14.50
CA GLN A 142 22.23 -8.27 -14.93
C GLN A 142 22.03 -9.42 -15.92
N LYS A 143 21.00 -10.23 -15.71
CA LYS A 143 20.83 -11.44 -16.52
C LYS A 143 19.85 -11.25 -17.66
N TRP A 144 18.82 -10.44 -17.44
CA TRP A 144 17.72 -10.34 -18.39
C TRP A 144 17.34 -8.94 -18.81
N GLY A 145 18.06 -7.93 -18.32
CA GLY A 145 17.77 -6.54 -18.63
C GLY A 145 16.51 -6.03 -17.97
N LEU A 146 16.34 -4.72 -17.94
CA LEU A 146 15.08 -4.12 -17.50
C LEU A 146 14.62 -3.12 -18.53
N ASP A 147 13.37 -3.21 -18.93
CA ASP A 147 12.80 -2.22 -19.85
C ASP A 147 12.02 -1.14 -19.13
N ARG A 148 11.13 -1.54 -18.23
CA ARG A 148 10.38 -0.58 -17.44
C ARG A 148 10.11 -1.10 -16.02
N ILE A 149 9.79 -0.17 -15.14
CA ILE A 149 9.36 -0.46 -13.76
C ILE A 149 8.08 0.34 -13.48
N ILE A 150 7.05 -0.30 -12.91
CA ILE A 150 5.97 0.42 -12.26
C ILE A 150 5.95 -0.01 -10.81
N VAL A 151 5.98 0.95 -9.89
CA VAL A 151 6.06 0.65 -8.46
C VAL A 151 5.09 1.48 -7.64
N SER A 152 4.40 0.81 -6.73
CA SER A 152 3.54 1.46 -5.75
C SER A 152 4.14 1.12 -4.38
N THR A 153 4.40 2.15 -3.55
CA THR A 153 5.08 1.95 -2.29
C THR A 153 4.12 1.98 -1.12
N TYR A 154 4.59 1.42 -0.01
CA TYR A 154 3.84 1.30 1.21
C TYR A 154 4.84 1.73 2.30
N GLN A 155 4.92 3.04 2.56
CA GLN A 155 6.08 3.57 3.28
C GLN A 155 5.76 3.89 4.74
N ALA A 156 6.66 3.46 5.63
CA ALA A 156 6.58 3.67 7.06
C ALA A 156 6.83 5.11 7.41
N VAL A 157 6.26 5.53 8.52
CA VAL A 157 6.35 6.93 9.01
C VAL A 157 7.73 7.41 9.47
N SER A 158 8.59 6.49 9.95
CA SER A 158 9.95 6.86 10.40
C SER A 158 10.78 7.50 9.31
N GLY A 159 10.42 7.24 8.05
CA GLY A 159 11.02 7.90 6.91
C GLY A 159 10.85 9.40 6.91
N ALA A 160 9.84 9.90 7.62
CA ALA A 160 9.62 11.33 7.74
C ALA A 160 10.09 11.91 9.08
N GLY A 161 10.83 11.13 9.87
CA GLY A 161 11.53 11.65 11.06
C GLY A 161 10.93 11.36 12.42
N MET A 162 11.67 11.71 13.47
CA MET A 162 11.21 11.40 14.84
C MET A 162 9.84 12.02 15.09
N GLY A 163 9.62 13.22 14.60
CA GLY A 163 8.33 13.89 14.82
C GLY A 163 7.15 13.12 14.23
N ALA A 164 7.37 12.59 13.02
CA ALA A 164 6.36 11.83 12.32
C ALA A 164 6.03 10.60 13.13
N ILE A 165 7.05 9.94 13.66
CA ILE A 165 6.86 8.76 14.49
C ILE A 165 6.01 9.08 15.71
N LEU A 166 6.37 10.16 16.43
CA LEU A 166 5.62 10.52 17.62
C LEU A 166 4.17 10.87 17.29
N GLU A 167 3.98 11.61 16.20
CA GLU A 167 2.64 12.00 15.74
C GLU A 167 1.78 10.77 15.46
N THR A 168 2.36 9.79 14.79
CA THR A 168 1.64 8.57 14.49
C THR A 168 1.18 7.82 15.75
N GLN A 169 2.11 7.60 16.66
CA GLN A 169 1.79 6.96 17.94
C GLN A 169 0.71 7.69 18.72
N ARG A 170 0.80 9.01 18.74
CA ARG A 170 -0.14 9.83 19.47
C ARG A 170 -1.55 9.70 18.87
N GLU A 171 -1.63 9.81 17.54
CA GLU A 171 -2.89 9.66 16.82
C GLU A 171 -3.52 8.30 17.08
N LEU A 172 -2.74 7.22 16.97
CA LEU A 172 -3.30 5.89 17.21
C LEU A 172 -3.82 5.73 18.64
N ARG A 173 -3.07 6.25 19.61
CA ARG A 173 -3.50 6.19 21.01
C ARG A 173 -4.81 6.94 21.20
N GLU A 174 -4.93 8.11 20.57
CA GLU A 174 -6.17 8.90 20.66
C GLU A 174 -7.38 8.15 20.14
N VAL A 175 -7.20 7.43 19.04
CA VAL A 175 -8.27 6.65 18.48
C VAL A 175 -8.58 5.44 19.36
N LEU A 176 -7.54 4.70 19.69
CA LEU A 176 -7.70 3.38 20.30
C LEU A 176 -8.02 3.41 21.78
N ASN A 177 -7.49 4.42 22.49
CA ASN A 177 -7.70 4.54 23.93
C ASN A 177 -8.73 5.59 24.30
N ASP A 178 -8.84 6.67 23.52
CA ASP A 178 -9.78 7.74 23.83
C ASP A 178 -11.03 7.76 22.95
N GLY A 179 -11.07 6.95 21.91
CA GLY A 179 -12.23 6.88 21.04
C GLY A 179 -12.38 8.07 20.09
N VAL A 180 -11.30 8.75 19.76
CA VAL A 180 -11.38 9.83 18.76
C VAL A 180 -11.57 9.19 17.36
N LYS A 181 -12.45 9.76 16.52
CA LYS A 181 -12.58 9.30 15.14
C LYS A 181 -11.35 9.77 14.34
N PRO A 182 -10.81 8.90 13.45
CA PRO A 182 -9.61 9.31 12.75
C PRO A 182 -9.72 10.59 11.93
N CYS A 183 -10.88 10.86 11.32
CA CYS A 183 -11.08 12.07 10.53
C CYS A 183 -11.17 13.33 11.41
N ASP A 184 -11.25 13.13 12.73
CA ASP A 184 -11.27 14.21 13.70
C ASP A 184 -9.89 14.50 14.30
N LEU A 185 -8.88 13.72 13.93
CA LEU A 185 -7.55 13.90 14.48
C LEU A 185 -6.88 15.18 13.98
N HIS A 186 -6.09 15.82 14.84
CA HIS A 186 -5.28 16.96 14.43
C HIS A 186 -3.87 16.48 14.11
N ALA A 187 -3.39 16.85 12.94
CA ALA A 187 -2.04 16.52 12.49
C ALA A 187 -1.25 17.78 12.24
N GLU A 188 0.07 17.72 12.49
CA GLU A 188 0.97 18.83 12.22
C GLU A 188 2.14 18.52 11.27
N ILE A 189 2.41 17.25 10.97
CA ILE A 189 3.60 16.94 10.16
C ILE A 189 3.25 16.22 8.87
N LEU A 190 2.66 15.05 8.97
CA LEU A 190 2.41 14.24 7.78
C LEU A 190 1.29 14.87 6.93
N PRO A 191 1.28 14.63 5.60
CA PRO A 191 2.20 13.80 4.82
C PRO A 191 3.61 14.39 4.66
N SER A 192 3.74 15.71 4.72
CA SER A 192 5.03 16.40 4.50
C SER A 192 5.21 17.65 5.38
N GLY A 193 6.22 17.66 6.24
CA GLY A 193 6.51 18.78 7.14
C GLY A 193 6.55 20.12 6.43
N GLY A 194 7.24 20.16 5.29
CA GLY A 194 7.36 21.38 4.51
C GLY A 194 6.24 21.67 3.51
N ASP A 195 5.07 21.06 3.67
CA ASP A 195 3.94 21.43 2.81
C ASP A 195 2.91 22.15 3.68
N LYS A 196 1.92 22.73 3.02
CA LYS A 196 0.98 23.64 3.67
C LYS A 196 -0.04 22.96 4.57
N LYS A 197 -0.52 21.78 4.17
CA LYS A 197 -1.62 21.14 4.90
C LYS A 197 -1.21 19.78 5.45
N HIS A 198 -1.79 19.40 6.58
CA HIS A 198 -1.39 18.17 7.26
C HIS A 198 -2.59 17.31 7.55
N TYR A 199 -2.41 16.00 7.32
CA TYR A 199 -3.51 15.05 7.45
C TYR A 199 -3.12 13.93 8.41
N PRO A 200 -4.13 13.31 9.02
CA PRO A 200 -3.87 12.19 9.91
C PRO A 200 -3.41 10.98 9.14
N ILE A 201 -2.52 10.21 9.75
CA ILE A 201 -2.06 8.93 9.16
C ILE A 201 -2.72 7.74 9.84
N ALA A 202 -3.18 7.92 11.08
CA ALA A 202 -3.82 6.82 11.82
C ALA A 202 -4.96 6.19 11.01
N PHE A 203 -4.90 4.89 10.75
CA PHE A 203 -5.92 4.17 9.97
C PHE A 203 -6.20 4.82 8.61
N ASN A 204 -5.14 5.34 7.99
CA ASN A 204 -5.27 6.02 6.71
C ASN A 204 -4.15 5.59 5.80
N ALA A 205 -4.29 5.94 4.51
CA ALA A 205 -3.22 5.77 3.56
C ALA A 205 -3.10 7.06 2.81
N LEU A 206 -1.94 7.72 2.87
CA LEU A 206 -1.77 9.01 2.24
C LEU A 206 -0.91 8.90 1.02
N PRO A 207 -1.49 9.16 -0.17
CA PRO A 207 -0.77 9.06 -1.45
C PRO A 207 0.04 10.33 -1.76
N GLN A 208 0.79 10.78 -0.77
CA GLN A 208 1.70 11.94 -0.92
C GLN A 208 2.91 11.70 -0.04
N ILE A 209 4.09 11.69 -0.65
CA ILE A 209 5.34 11.68 0.08
C ILE A 209 6.20 12.76 -0.58
N ASP A 210 6.69 13.69 0.24
CA ASP A 210 7.35 14.92 -0.21
C ASP A 210 6.34 15.83 -0.91
N VAL A 211 6.83 16.94 -1.48
CA VAL A 211 5.94 17.93 -2.05
C VAL A 211 5.66 17.54 -3.48
N PHE A 212 4.66 18.15 -4.11
CA PHE A 212 4.35 17.88 -5.51
C PHE A 212 5.29 18.61 -6.45
N THR A 213 5.62 18.00 -7.58
CA THR A 213 6.42 18.67 -8.61
C THR A 213 5.44 19.16 -9.68
N ASP A 214 5.95 19.91 -10.65
CA ASP A 214 5.10 20.49 -11.70
C ASP A 214 4.51 19.50 -12.70
N ASN A 215 4.92 18.23 -12.67
CA ASN A 215 4.31 17.22 -13.54
C ASN A 215 3.25 16.37 -12.83
N ASP A 216 2.85 16.80 -11.64
CA ASP A 216 1.84 16.13 -10.80
C ASP A 216 2.28 14.81 -10.13
N TYR A 217 3.51 14.39 -10.36
CA TYR A 217 4.13 13.42 -9.47
C TYR A 217 4.75 14.14 -8.31
N THR A 218 4.85 13.45 -7.18
CA THR A 218 5.59 14.02 -6.06
C THR A 218 7.10 13.91 -6.25
N TYR A 219 7.81 14.67 -5.45
CA TYR A 219 9.28 14.60 -5.45
C TYR A 219 9.78 13.21 -5.10
N GLU A 220 9.05 12.49 -4.24
CA GLU A 220 9.46 11.14 -3.84
C GLU A 220 9.34 10.19 -5.05
N GLU A 221 8.27 10.33 -5.81
CA GLU A 221 8.04 9.52 -7.00
C GLU A 221 9.12 9.83 -8.06
N MET A 222 9.42 11.12 -8.25
CA MET A 222 10.43 11.51 -9.25
C MET A 222 11.86 11.10 -8.82
N LYS A 223 12.17 11.14 -7.52
CA LYS A 223 13.43 10.62 -7.02
C LYS A 223 13.58 9.15 -7.41
N MET A 224 12.53 8.35 -7.23
CA MET A 224 12.61 6.93 -7.59
C MET A 224 12.97 6.76 -9.05
N THR A 225 12.27 7.50 -9.92
CA THR A 225 12.55 7.54 -11.34
C THR A 225 13.99 7.94 -11.68
N LYS A 226 14.41 9.10 -11.20
CA LYS A 226 15.72 9.64 -11.59
C LYS A 226 16.87 8.90 -10.96
N GLU A 227 16.69 8.45 -9.73
CA GLU A 227 17.76 7.77 -9.02
C GLU A 227 18.01 6.40 -9.64
N THR A 228 16.93 5.70 -10.00
CA THR A 228 17.03 4.39 -10.69
C THR A 228 17.91 4.49 -11.93
N LYS A 229 17.62 5.48 -12.78
CA LYS A 229 18.34 5.63 -14.03
C LYS A 229 19.85 5.86 -13.81
N LYS A 230 20.18 6.69 -12.82
CA LYS A 230 21.58 7.02 -12.53
C LYS A 230 22.31 5.85 -11.89
N ILE A 231 21.67 5.19 -10.92
CA ILE A 231 22.27 4.06 -10.23
C ILE A 231 22.53 2.91 -11.21
N MET A 232 21.57 2.68 -12.10
CA MET A 232 21.72 1.58 -13.07
C MET A 232 22.40 2.08 -14.34
N GLU A 233 22.75 3.36 -14.39
CA GLU A 233 23.51 3.92 -15.49
C GLU A 233 22.80 3.65 -16.81
N ASP A 234 21.48 3.80 -16.80
CA ASP A 234 20.68 3.53 -17.98
C ASP A 234 19.43 4.40 -17.99
N ASP A 235 19.50 5.46 -18.78
CA ASP A 235 18.38 6.37 -19.00
C ASP A 235 17.23 5.77 -19.78
N SER A 236 17.41 4.62 -20.42
CA SER A 236 16.32 4.05 -21.20
C SER A 236 15.31 3.29 -20.32
N ILE A 237 15.67 3.00 -19.06
CA ILE A 237 14.74 2.30 -18.17
C ILE A 237 13.58 3.22 -17.81
N ALA A 238 12.37 2.83 -18.22
CA ALA A 238 11.17 3.62 -17.92
C ALA A 238 10.74 3.32 -16.50
N VAL A 239 10.54 4.35 -15.69
CA VAL A 239 10.14 4.20 -14.30
C VAL A 239 9.08 5.21 -13.92
N SER A 240 7.93 4.73 -13.45
CA SER A 240 6.89 5.57 -12.88
C SER A 240 6.46 4.97 -11.53
N ALA A 241 6.25 5.84 -10.54
CA ALA A 241 5.96 5.40 -9.18
C ALA A 241 4.76 6.12 -8.59
N THR A 242 4.11 5.44 -7.66
CA THR A 242 3.14 6.01 -6.74
C THR A 242 3.64 5.72 -5.31
N CYS A 243 3.84 6.77 -4.53
CA CYS A 243 4.40 6.65 -3.20
C CYS A 243 3.37 7.03 -2.11
N VAL A 244 3.13 6.10 -1.21
CA VAL A 244 2.00 6.17 -0.28
C VAL A 244 2.53 5.89 1.14
N ARG A 245 2.25 6.82 2.05
CA ARG A 245 2.47 6.60 3.47
C ARG A 245 1.35 5.78 4.11
N ILE A 246 1.72 4.79 4.94
CA ILE A 246 0.73 3.95 5.63
C ILE A 246 1.10 3.86 7.12
N PRO A 247 0.18 3.36 7.97
CA PRO A 247 0.44 3.29 9.42
C PRO A 247 1.40 2.16 9.86
N VAL A 248 2.63 2.25 9.38
CA VAL A 248 3.74 1.39 9.79
C VAL A 248 4.82 2.28 10.40
N LEU A 249 5.45 1.85 11.50
CA LEU A 249 6.50 2.69 12.09
C LEU A 249 7.81 2.58 11.33
N SER A 250 8.24 1.35 10.98
CA SER A 250 9.50 1.14 10.28
C SER A 250 9.38 -0.04 9.30
N ALA A 251 10.17 0.07 8.23
CA ALA A 251 10.21 -0.86 7.08
C ALA A 251 9.25 -0.43 5.98
N HIS A 252 9.82 -0.14 4.80
CA HIS A 252 9.06 0.24 3.61
C HIS A 252 8.77 -1.07 2.87
N SER A 253 7.58 -1.18 2.27
CA SER A 253 7.25 -2.32 1.41
C SER A 253 6.92 -1.74 0.06
N GLU A 254 7.08 -2.55 -0.99
CA GLU A 254 6.87 -2.08 -2.34
C GLU A 254 6.31 -3.18 -3.20
N SER A 255 5.25 -2.84 -3.95
CA SER A 255 4.70 -3.69 -4.99
C SER A 255 5.36 -3.24 -6.29
N VAL A 256 6.25 -4.09 -6.81
CA VAL A 256 7.11 -3.75 -7.93
C VAL A 256 6.71 -4.58 -9.14
N TYR A 257 6.46 -3.88 -10.24
CA TYR A 257 6.23 -4.53 -11.51
C TYR A 257 7.37 -4.18 -12.43
N ILE A 258 7.90 -5.16 -13.14
CA ILE A 258 8.93 -4.88 -14.13
C ILE A 258 8.62 -5.61 -15.42
N GLU A 259 9.18 -5.11 -16.52
CA GLU A 259 9.27 -5.89 -17.75
C GLU A 259 10.74 -5.96 -18.10
N THR A 260 11.23 -7.17 -18.29
CA THR A 260 12.63 -7.42 -18.59
C THR A 260 12.85 -7.27 -20.10
N LYS A 261 14.13 -7.30 -20.53
CA LYS A 261 14.47 -7.21 -21.94
C LYS A 261 14.31 -8.59 -22.60
N GLU A 262 14.73 -9.62 -21.89
CA GLU A 262 14.55 -11.00 -22.35
C GLU A 262 13.63 -11.67 -21.35
N VAL A 263 12.94 -12.70 -21.78
CA VAL A 263 12.08 -13.45 -20.86
C VAL A 263 12.97 -14.01 -19.73
N ALA A 264 12.51 -13.87 -18.49
CA ALA A 264 13.27 -14.25 -17.30
C ALA A 264 12.50 -15.33 -16.57
N PRO A 265 12.91 -16.59 -16.73
CA PRO A 265 12.21 -17.71 -16.08
C PRO A 265 12.06 -17.48 -14.58
N ILE A 266 10.86 -17.63 -14.10
CA ILE A 266 10.46 -17.15 -12.81
C ILE A 266 11.29 -17.80 -11.66
N GLU A 267 11.56 -19.10 -11.77
CA GLU A 267 12.40 -19.79 -10.79
C GLU A 267 13.88 -19.38 -10.85
N GLU A 268 14.37 -18.98 -12.01
CA GLU A 268 15.71 -18.45 -12.10
C GLU A 268 15.81 -17.03 -11.52
N VAL A 269 14.75 -16.23 -11.68
CA VAL A 269 14.69 -14.90 -11.05
C VAL A 269 14.84 -15.07 -9.54
N LYS A 270 14.09 -16.01 -8.96
CA LYS A 270 14.15 -16.29 -7.54
C LYS A 270 15.58 -16.63 -7.12
N ALA A 271 16.22 -17.54 -7.86
CA ALA A 271 17.61 -17.94 -7.60
C ALA A 271 18.59 -16.79 -7.72
N ALA A 272 18.43 -15.96 -8.73
CA ALA A 272 19.31 -14.85 -8.98
C ALA A 272 19.25 -13.82 -7.85
N ILE A 273 18.04 -13.62 -7.30
CA ILE A 273 17.83 -12.69 -6.19
C ILE A 273 18.43 -13.29 -4.90
N ALA A 274 18.17 -14.59 -4.67
CA ALA A 274 18.76 -15.28 -3.53
C ALA A 274 20.29 -15.18 -3.58
N ALA A 275 20.87 -15.27 -4.77
CA ALA A 275 22.33 -15.23 -4.92
C ALA A 275 22.95 -13.83 -4.82
N PHE A 276 22.12 -12.78 -4.80
CA PHE A 276 22.61 -11.42 -4.84
C PHE A 276 22.89 -10.93 -3.42
N PRO A 277 24.11 -10.42 -3.16
CA PRO A 277 24.41 -10.03 -1.78
C PRO A 277 23.52 -8.87 -1.35
N GLY A 278 22.96 -8.95 -0.14
CA GLY A 278 22.10 -7.90 0.38
C GLY A 278 20.62 -8.19 0.16
N ALA A 279 20.32 -9.16 -0.71
CA ALA A 279 18.96 -9.59 -1.00
C ALA A 279 18.71 -10.99 -0.44
N VAL A 280 17.59 -11.17 0.24
CA VAL A 280 17.19 -12.47 0.77
CA VAL A 280 17.19 -12.47 0.77
C VAL A 280 15.85 -12.85 0.15
N LEU A 281 15.81 -14.04 -0.44
CA LEU A 281 14.59 -14.60 -0.97
C LEU A 281 13.72 -15.13 0.16
N GLU A 282 12.51 -14.59 0.26
CA GLU A 282 11.51 -15.07 1.22
C GLU A 282 10.25 -15.31 0.44
N ASP A 283 10.12 -16.52 -0.11
CA ASP A 283 9.12 -16.80 -1.10
C ASP A 283 8.82 -18.28 -1.09
N ASP A 284 7.78 -18.65 -0.36
CA ASP A 284 7.30 -20.02 -0.28
C ASP A 284 5.81 -19.92 0.02
N VAL A 285 5.01 -19.71 -1.02
CA VAL A 285 3.58 -19.44 -0.81
C VAL A 285 2.83 -20.62 -0.23
N ALA A 286 3.30 -21.84 -0.51
CA ALA A 286 2.73 -23.03 0.14
C ALA A 286 2.69 -22.90 1.65
N HIS A 287 3.67 -22.19 2.22
CA HIS A 287 3.75 -21.98 3.68
C HIS A 287 3.56 -20.51 4.07
N GLN A 288 2.91 -19.76 3.18
CA GLN A 288 2.60 -18.36 3.40
C GLN A 288 3.83 -17.56 3.80
N ILE A 289 4.95 -17.83 3.15
CA ILE A 289 6.20 -17.10 3.38
C ILE A 289 6.38 -15.97 2.34
N TYR A 290 6.51 -14.74 2.85
CA TYR A 290 6.75 -13.60 2.02
C TYR A 290 7.31 -12.48 2.91
N PRO A 291 8.03 -11.51 2.34
CA PRO A 291 8.53 -10.40 3.17
C PRO A 291 7.43 -9.68 3.94
N GLN A 292 7.73 -9.34 5.20
CA GLN A 292 6.85 -8.56 6.03
C GLN A 292 7.61 -7.46 6.75
N ALA A 293 7.06 -6.25 6.69
CA ALA A 293 7.65 -5.09 7.36
C ALA A 293 8.11 -5.40 8.77
N ILE A 294 7.20 -5.94 9.59
CA ILE A 294 7.53 -6.21 11.00
C ILE A 294 8.70 -7.19 11.21
N ASN A 295 8.91 -8.13 10.28
CA ASN A 295 10.02 -9.07 10.38
C ASN A 295 11.35 -8.49 9.86
N ALA A 296 11.27 -7.44 9.06
CA ALA A 296 12.44 -6.84 8.43
C ALA A 296 13.11 -5.83 9.35
N VAL A 297 12.33 -5.25 10.25
CA VAL A 297 12.86 -4.22 11.16
C VAL A 297 14.08 -4.75 11.92
N GLY A 298 15.18 -4.01 11.86
CA GLY A 298 16.41 -4.38 12.54
C GLY A 298 17.39 -5.18 11.72
N SER A 299 16.99 -5.64 10.51
CA SER A 299 17.91 -6.32 9.61
C SER A 299 18.43 -5.39 8.52
N ARG A 300 19.71 -5.54 8.22
CA ARG A 300 20.33 -4.86 7.09
C ARG A 300 19.94 -5.44 5.72
N ASP A 301 19.37 -6.64 5.70
CA ASP A 301 19.00 -7.28 4.42
C ASP A 301 17.74 -6.66 3.80
N THR A 302 17.55 -6.95 2.52
CA THR A 302 16.37 -6.55 1.76
C THR A 302 15.65 -7.84 1.36
N PHE A 303 14.36 -7.95 1.67
CA PHE A 303 13.65 -9.22 1.49
C PHE A 303 12.70 -9.16 0.31
N VAL A 304 12.68 -10.22 -0.50
CA VAL A 304 11.92 -10.24 -1.75
C VAL A 304 11.13 -11.53 -1.89
N GLY A 305 9.86 -11.38 -2.23
CA GLY A 305 8.99 -12.52 -2.49
C GLY A 305 7.77 -12.13 -3.28
N ARG A 306 6.70 -12.91 -3.13
CA ARG A 306 5.55 -12.86 -4.03
C ARG A 306 5.96 -12.79 -5.50
N ILE A 307 7.10 -13.39 -5.86
CA ILE A 307 7.64 -13.24 -7.20
C ILE A 307 6.81 -14.14 -8.15
N ARG A 308 6.25 -13.54 -9.20
CA ARG A 308 5.37 -14.25 -10.14
C ARG A 308 5.29 -13.51 -11.50
N LYS A 309 4.98 -14.27 -12.55
CA LYS A 309 4.82 -13.73 -13.88
C LYS A 309 3.57 -12.92 -13.93
N ASP A 310 3.56 -11.89 -14.75
CA ASP A 310 2.32 -11.19 -15.09
C ASP A 310 1.42 -12.18 -15.82
N LEU A 311 0.10 -12.04 -15.67
CA LEU A 311 -0.83 -12.97 -16.30
C LEU A 311 -0.90 -12.85 -17.83
N ASP A 312 -0.43 -11.73 -18.38
CA ASP A 312 -0.54 -11.47 -19.83
C ASP A 312 0.75 -11.02 -20.50
N ALA A 313 1.46 -10.07 -19.91
CA ALA A 313 2.70 -9.57 -20.48
C ALA A 313 3.80 -10.63 -20.34
N GLU A 314 4.30 -11.11 -21.48
CA GLU A 314 5.29 -12.19 -21.50
C GLU A 314 6.54 -11.91 -20.65
N LYS A 315 7.02 -10.67 -20.72
CA LYS A 315 8.23 -10.28 -20.03
C LYS A 315 7.95 -9.58 -18.69
N GLY A 316 6.70 -9.64 -18.23
CA GLY A 316 6.29 -8.96 -17.00
C GLY A 316 6.42 -9.80 -15.75
N ILE A 317 6.83 -9.17 -14.66
CA ILE A 317 7.06 -9.87 -13.40
C ILE A 317 6.61 -8.95 -12.24
N HIS A 318 5.90 -9.50 -11.26
CA HIS A 318 5.50 -8.79 -10.05
C HIS A 318 6.25 -9.35 -8.86
N MET A 319 6.50 -8.51 -7.85
CA MET A 319 7.17 -8.97 -6.65
C MET A 319 6.91 -7.97 -5.53
N TRP A 320 7.30 -8.37 -4.33
CA TRP A 320 7.10 -7.64 -3.10
C TRP A 320 8.46 -7.52 -2.43
N VAL A 321 8.84 -6.28 -2.08
CA VAL A 321 10.15 -5.98 -1.64
C VAL A 321 10.04 -5.20 -0.34
N VAL A 322 10.72 -5.66 0.70
CA VAL A 322 10.68 -5.04 2.03
C VAL A 322 12.07 -4.82 2.61
N SER A 323 12.31 -3.63 3.21
CA SER A 323 13.53 -3.40 3.91
C SER A 323 13.30 -2.32 4.96
N ASP A 324 14.06 -2.41 6.03
CA ASP A 324 14.07 -1.36 7.09
C ASP A 324 14.58 -0.05 6.50
N ASN A 325 13.70 0.92 6.40
CA ASN A 325 14.03 2.17 5.74
C ASN A 325 15.09 3.02 6.44
N LEU A 326 15.40 2.73 7.71
CA LEU A 326 16.45 3.47 8.43
C LEU A 326 17.77 2.73 8.38
N LEU A 327 17.76 1.44 8.04
CA LEU A 327 18.98 0.69 7.94
C LEU A 327 19.44 0.68 6.48
N LYS A 328 19.11 -0.35 5.68
CA LYS A 328 19.54 -0.32 4.31
C LYS A 328 19.02 0.92 3.56
N GLY A 329 17.84 1.40 3.96
CA GLY A 329 17.27 2.59 3.34
C GLY A 329 18.00 3.88 3.72
N ALA A 330 18.87 3.85 4.72
CA ALA A 330 19.59 5.08 5.14
C ALA A 330 20.92 4.82 5.85
N ALA A 331 20.85 4.53 7.16
CA ALA A 331 22.05 4.45 8.01
C ALA A 331 23.01 3.33 7.61
N TRP A 332 22.46 2.15 7.39
CA TRP A 332 23.29 1.02 6.94
C TRP A 332 23.86 1.24 5.54
N ASN A 333 23.07 1.70 4.57
CA ASN A 333 23.68 2.01 3.28
C ASN A 333 24.83 2.99 3.41
N SER A 334 24.64 4.05 4.22
CA SER A 334 25.67 5.06 4.42
C SER A 334 26.94 4.47 5.06
N VAL A 335 26.76 3.73 6.12
CA VAL A 335 27.91 3.13 6.76
C VAL A 335 28.58 2.09 5.84
N GLN A 336 27.77 1.35 5.11
CA GLN A 336 28.33 0.40 4.13
C GLN A 336 29.17 1.14 3.07
N ILE A 337 28.71 2.33 2.64
CA ILE A 337 29.51 3.16 1.74
C ILE A 337 30.86 3.53 2.38
N ALA A 338 30.82 3.99 3.63
CA ALA A 338 32.04 4.33 4.35
C ALA A 338 33.00 3.14 4.45
N GLU A 339 32.48 1.96 4.80
CA GLU A 339 33.31 0.76 4.85
C GLU A 339 33.92 0.50 3.50
N THR A 340 33.13 0.67 2.45
CA THR A 340 33.61 0.40 1.10
C THR A 340 34.69 1.43 0.69
N LEU A 341 34.51 2.70 1.07
CA LEU A 341 35.56 3.71 0.85
C LEU A 341 36.87 3.33 1.54
N HIS A 342 36.77 2.91 2.80
CA HIS A 342 37.94 2.50 3.56
C HIS A 342 38.64 1.33 2.88
N GLU A 343 37.86 0.31 2.56
CA GLU A 343 38.39 -0.91 1.92
C GLU A 343 39.08 -0.67 0.58
N ARG A 344 38.63 0.34 -0.17
CA ARG A 344 39.22 0.64 -1.49
C ARG A 344 40.21 1.80 -1.49
N GLY A 345 40.64 2.23 -0.31
CA GLY A 345 41.63 3.29 -0.18
C GLY A 345 41.16 4.63 -0.71
N LEU A 346 39.88 4.92 -0.55
CA LEU A 346 39.27 6.12 -1.14
C LEU A 346 39.00 7.22 -0.10
N VAL A 347 39.40 6.98 1.15
CA VAL A 347 39.22 7.98 2.21
C VAL A 347 40.44 8.90 2.23
N ARG A 348 40.36 9.98 1.46
CA ARG A 348 41.44 10.98 1.33
CA ARG A 348 41.41 11.00 1.41
C ARG A 348 40.85 12.32 0.90
N PRO A 349 41.53 13.42 1.24
CA PRO A 349 41.00 14.70 0.79
C PRO A 349 40.98 14.77 -0.71
N THR A 350 40.11 15.61 -1.22
CA THR A 350 39.96 15.83 -2.64
C THR A 350 40.79 17.05 -3.04
N ALA A 351 41.48 16.95 -4.16
CA ALA A 351 42.29 18.06 -4.65
C ALA A 351 41.38 19.23 -5.01
N GLU A 352 40.58 19.06 -6.06
CA GLU A 352 39.79 20.14 -6.62
C GLU A 352 38.38 20.23 -5.99
N LEU A 353 38.03 21.42 -5.50
CA LEU A 353 36.68 21.68 -5.01
C LEU A 353 35.68 21.82 -6.18
N LYS A 354 34.60 21.05 -6.15
CA LYS A 354 33.62 21.06 -7.22
C LYS A 354 32.23 21.49 -6.76
N PHE A 355 32.12 21.90 -5.51
CA PHE A 355 30.82 22.23 -4.91
C PHE A 355 30.76 23.66 -4.40
N GLU A 356 29.75 24.37 -4.89
CA GLU A 356 29.45 25.74 -4.55
C GLU A 356 29.42 25.91 -3.05
N LEU A 357 30.14 26.90 -2.53
CA LEU A 357 30.03 27.27 -1.11
C LEU A 357 28.95 28.32 -0.96
N LYS A 358 27.97 28.06 -0.08
CA LYS A 358 26.80 28.94 0.05
C LYS A 358 26.97 30.03 1.10
N GLY B 2 -45.54 -3.51 -0.34
CA GLY B 2 -44.06 -3.51 -0.29
C GLY B 2 -43.51 -4.92 -0.27
N TYR B 3 -42.23 -5.04 0.06
CA TYR B 3 -41.55 -6.33 0.06
C TYR B 3 -41.27 -6.88 1.45
N THR B 4 -41.14 -8.20 1.50
CA THR B 4 -40.55 -8.90 2.63
C THR B 4 -39.10 -9.12 2.30
N VAL B 5 -38.21 -8.52 3.09
CA VAL B 5 -36.76 -8.57 2.83
C VAL B 5 -36.01 -9.25 3.96
N ALA B 6 -35.17 -10.21 3.61
CA ALA B 6 -34.35 -10.93 4.57
C ALA B 6 -32.88 -10.59 4.39
N VAL B 7 -32.20 -10.35 5.51
CA VAL B 7 -30.75 -10.18 5.54
C VAL B 7 -30.16 -11.42 6.20
N VAL B 8 -29.43 -12.20 5.42
CA VAL B 8 -28.75 -13.39 5.91
C VAL B 8 -27.33 -12.98 6.27
N GLY B 9 -26.99 -13.14 7.55
CA GLY B 9 -25.73 -12.65 8.11
C GLY B 9 -25.87 -11.27 8.71
N ALA B 10 -27.01 -11.01 9.34
CA ALA B 10 -27.38 -9.70 9.86
C ALA B 10 -26.48 -9.20 10.97
N THR B 11 -25.79 -10.11 11.65
CA THR B 11 -25.02 -9.80 12.84
C THR B 11 -23.55 -9.44 12.56
N GLY B 12 -23.07 -9.71 11.35
CA GLY B 12 -21.66 -9.45 10.99
C GLY B 12 -21.33 -8.02 10.57
N ALA B 13 -20.11 -7.81 10.10
CA ALA B 13 -19.65 -6.49 9.72
C ALA B 13 -20.46 -5.94 8.53
N VAL B 14 -20.63 -6.78 7.50
CA VAL B 14 -21.40 -6.36 6.32
C VAL B 14 -22.88 -6.29 6.71
N GLY B 15 -23.35 -7.32 7.42
CA GLY B 15 -24.72 -7.35 7.95
C GLY B 15 -25.18 -6.03 8.52
N ALA B 16 -24.40 -5.49 9.46
CA ALA B 16 -24.69 -4.19 10.09
C ALA B 16 -24.91 -3.06 9.07
N GLN B 17 -24.06 -3.01 8.05
CA GLN B 17 -24.18 -1.96 7.03
C GLN B 17 -25.32 -2.25 6.07
N MET B 18 -25.63 -3.52 5.85
CA MET B 18 -26.78 -3.84 5.07
C MET B 18 -28.03 -3.27 5.72
N ILE B 19 -28.15 -3.48 7.01
CA ILE B 19 -29.25 -2.94 7.81
C ILE B 19 -29.30 -1.44 7.66
N LYS B 20 -28.16 -0.78 7.81
CA LYS B 20 -28.09 0.69 7.70
C LYS B 20 -28.51 1.14 6.29
N MET B 21 -27.99 0.46 5.28
CA MET B 21 -28.33 0.81 3.90
C MET B 21 -29.82 0.57 3.63
N LEU B 22 -30.36 -0.55 4.13
CA LEU B 22 -31.80 -0.83 4.01
C LEU B 22 -32.65 0.21 4.73
N GLU B 23 -32.25 0.61 5.93
CA GLU B 23 -32.93 1.69 6.66
C GLU B 23 -33.02 2.98 5.85
N GLU B 24 -31.99 3.25 5.06
CA GLU B 24 -31.93 4.47 4.26
C GLU B 24 -32.32 4.24 2.80
N SER B 25 -32.85 3.06 2.48
CA SER B 25 -33.17 2.70 1.11
CA SER B 25 -33.18 2.71 1.10
C SER B 25 -34.54 3.25 0.65
N THR B 26 -34.72 3.34 -0.66
CA THR B 26 -36.01 3.65 -1.25
C THR B 26 -36.85 2.38 -1.56
N LEU B 27 -36.36 1.22 -1.14
CA LEU B 27 -37.07 -0.03 -1.32
C LEU B 27 -38.31 0.04 -0.41
N PRO B 28 -39.51 -0.29 -0.94
CA PRO B 28 -40.70 -0.31 -0.07
C PRO B 28 -40.73 -1.60 0.72
N ILE B 29 -40.48 -1.51 2.02
CA ILE B 29 -40.27 -2.69 2.86
C ILE B 29 -41.46 -2.85 3.80
N ASP B 30 -42.21 -3.93 3.62
CA ASP B 30 -43.38 -4.24 4.45
C ASP B 30 -42.97 -5.05 5.66
N LYS B 31 -42.02 -5.94 5.47
CA LYS B 31 -41.49 -6.74 6.56
C LYS B 31 -39.98 -6.97 6.39
N ILE B 32 -39.25 -6.85 7.49
CA ILE B 32 -37.81 -7.11 7.53
C ILE B 32 -37.56 -8.34 8.42
N ARG B 33 -36.77 -9.29 7.93
CA ARG B 33 -36.36 -10.44 8.71
C ARG B 33 -34.83 -10.59 8.74
N TYR B 34 -34.29 -10.82 9.93
CA TYR B 34 -32.85 -10.98 10.14
C TYR B 34 -32.49 -12.44 10.39
N LEU B 35 -31.61 -12.97 9.56
CA LEU B 35 -31.15 -14.34 9.68
C LEU B 35 -29.65 -14.39 9.96
N ALA B 36 -29.25 -15.40 10.75
CA ALA B 36 -27.83 -15.66 11.03
C ALA B 36 -27.67 -17.14 11.38
N SER B 37 -26.68 -17.49 12.22
CA SER B 37 -26.46 -18.88 12.60
C SER B 37 -27.24 -19.25 13.86
N ALA B 38 -27.20 -20.53 14.19
CA ALA B 38 -27.81 -21.03 15.43
C ALA B 38 -27.52 -20.17 16.66
N ARG B 39 -26.29 -19.71 16.81
CA ARG B 39 -25.89 -19.02 18.04
C ARG B 39 -26.41 -17.59 18.20
N SER B 40 -26.85 -16.97 17.11
CA SER B 40 -27.46 -15.64 17.20
C SER B 40 -28.99 -15.70 17.35
N ALA B 41 -29.59 -16.85 17.00
CA ALA B 41 -31.03 -17.01 17.00
C ALA B 41 -31.64 -16.72 18.36
N GLY B 42 -32.57 -15.77 18.42
CA GLY B 42 -33.21 -15.39 19.67
C GLY B 42 -32.80 -14.00 20.13
N LYS B 43 -31.61 -13.55 19.74
CA LYS B 43 -31.20 -12.17 20.03
C LYS B 43 -32.05 -11.19 19.22
N SER B 44 -32.00 -9.93 19.62
CA SER B 44 -32.76 -8.87 18.98
C SER B 44 -31.84 -7.79 18.41
N LEU B 45 -32.13 -7.38 17.19
CA LEU B 45 -31.45 -6.28 16.52
C LEU B 45 -32.50 -5.28 16.07
N LYS B 46 -32.13 -4.00 16.05
CA LYS B 46 -33.05 -2.97 15.60
C LYS B 46 -33.19 -2.98 14.07
N PHE B 47 -34.38 -2.65 13.60
CA PHE B 47 -34.59 -2.04 12.28
C PHE B 47 -35.33 -0.76 12.55
N LYS B 48 -34.65 0.36 12.32
CA LYS B 48 -35.10 1.67 12.77
C LYS B 48 -35.41 1.58 14.27
N ASP B 49 -36.62 1.93 14.69
CA ASP B 49 -36.99 1.80 16.10
C ASP B 49 -37.65 0.46 16.42
N GLN B 50 -37.92 -0.33 15.39
CA GLN B 50 -38.55 -1.63 15.55
C GLN B 50 -37.53 -2.68 16.00
N ASP B 51 -37.93 -3.52 16.95
CA ASP B 51 -37.10 -4.62 17.43
C ASP B 51 -37.36 -5.85 16.59
N ILE B 52 -36.30 -6.45 16.05
CA ILE B 52 -36.42 -7.62 15.19
C ILE B 52 -35.69 -8.78 15.88
N THR B 53 -36.25 -9.99 15.77
CA THR B 53 -35.70 -11.17 16.45
C THR B 53 -34.91 -11.96 15.44
N ILE B 54 -33.64 -12.18 15.72
CA ILE B 54 -32.79 -12.90 14.79
C ILE B 54 -33.20 -14.37 14.72
N GLU B 55 -33.31 -14.89 13.50
CA GLU B 55 -33.72 -16.27 13.26
C GLU B 55 -32.55 -17.05 12.72
N GLU B 56 -32.57 -18.36 12.95
CA GLU B 56 -31.55 -19.22 12.41
C GLU B 56 -31.82 -19.47 10.94
N THR B 57 -30.76 -19.47 10.14
CA THR B 57 -30.87 -19.74 8.73
C THR B 57 -31.09 -21.23 8.47
N THR B 58 -32.23 -21.57 7.85
CA THR B 58 -32.54 -22.96 7.48
C THR B 58 -33.14 -23.02 6.09
N GLU B 59 -33.30 -24.25 5.59
CA GLU B 59 -33.85 -24.54 4.25
C GLU B 59 -35.29 -24.07 4.10
N THR B 60 -36.01 -23.99 5.21
CA THR B 60 -37.42 -23.68 5.22
C THR B 60 -37.71 -22.27 5.73
N ALA B 61 -36.68 -21.45 5.83
CA ALA B 61 -36.82 -20.12 6.41
C ALA B 61 -37.25 -19.03 5.40
N PHE B 62 -37.21 -19.36 4.11
CA PHE B 62 -37.37 -18.35 3.06
C PHE B 62 -38.76 -18.24 2.43
N GLU B 63 -39.75 -18.92 3.02
CA GLU B 63 -41.11 -18.80 2.51
C GLU B 63 -41.64 -17.41 2.78
N GLY B 64 -42.26 -16.81 1.77
CA GLY B 64 -42.84 -15.48 1.90
C GLY B 64 -41.85 -14.36 1.61
N VAL B 65 -40.58 -14.71 1.43
CA VAL B 65 -39.55 -13.68 1.25
C VAL B 65 -39.48 -13.25 -0.21
N ASP B 66 -39.43 -11.95 -0.43
CA ASP B 66 -39.33 -11.41 -1.78
C ASP B 66 -37.86 -11.24 -2.15
N ILE B 67 -37.10 -10.61 -1.28
CA ILE B 67 -35.68 -10.33 -1.55
C ILE B 67 -34.86 -10.77 -0.35
N ALA B 68 -33.76 -11.47 -0.61
CA ALA B 68 -32.83 -11.87 0.43
C ALA B 68 -31.43 -11.42 0.03
N LEU B 69 -30.78 -10.70 0.94
CA LEU B 69 -29.41 -10.24 0.75
C LEU B 69 -28.52 -11.16 1.60
N PHE B 70 -27.62 -11.86 0.92
CA PHE B 70 -26.73 -12.83 1.56
C PHE B 70 -25.36 -12.26 1.81
N SER B 71 -24.97 -12.20 3.08
CA SER B 71 -23.61 -11.88 3.44
C SER B 71 -23.23 -12.69 4.68
N ALA B 72 -23.24 -14.00 4.51
CA ALA B 72 -22.99 -14.93 5.60
C ALA B 72 -21.84 -15.91 5.31
N GLY B 73 -21.10 -15.63 4.25
CA GLY B 73 -19.96 -16.44 3.87
C GLY B 73 -20.32 -17.41 2.78
N SER B 74 -19.32 -17.78 1.99
CA SER B 74 -19.49 -18.57 0.78
C SER B 74 -20.28 -19.85 1.03
N SER B 75 -20.00 -20.51 2.14
CA SER B 75 -20.63 -21.79 2.49
C SER B 75 -22.13 -21.67 2.73
N THR B 76 -22.53 -20.61 3.43
CA THR B 76 -23.93 -20.34 3.71
C THR B 76 -24.74 -20.04 2.41
N SER B 77 -24.16 -19.30 1.49
CA SER B 77 -24.84 -19.01 0.23
C SER B 77 -24.96 -20.27 -0.64
N ALA B 78 -23.87 -21.03 -0.72
CA ALA B 78 -23.86 -22.31 -1.44
C ALA B 78 -24.98 -23.24 -1.01
N LYS B 79 -25.21 -23.32 0.30
CA LYS B 79 -26.19 -24.24 0.88
C LYS B 79 -27.63 -23.74 0.83
N TYR B 80 -27.86 -22.46 1.15
CA TYR B 80 -29.22 -21.96 1.36
C TYR B 80 -29.80 -21.05 0.25
N ALA B 81 -28.95 -20.45 -0.59
CA ALA B 81 -29.47 -19.57 -1.64
C ALA B 81 -30.30 -20.35 -2.66
N PRO B 82 -29.91 -21.59 -2.98
CA PRO B 82 -30.76 -22.34 -3.92
C PRO B 82 -32.17 -22.60 -3.37
N TYR B 83 -32.31 -22.81 -2.06
CA TYR B 83 -33.60 -23.02 -1.43
C TYR B 83 -34.39 -21.71 -1.41
N ALA B 84 -33.69 -20.59 -1.22
CA ALA B 84 -34.38 -19.29 -1.31
C ALA B 84 -34.99 -19.14 -2.71
N VAL B 85 -34.20 -19.44 -3.74
CA VAL B 85 -34.67 -19.33 -5.13
C VAL B 85 -35.82 -20.30 -5.35
N LYS B 86 -35.74 -21.49 -4.76
CA LYS B 86 -36.84 -22.47 -4.76
C LYS B 86 -38.11 -21.87 -4.15
N ALA B 87 -37.94 -21.11 -3.07
CA ALA B 87 -39.06 -20.47 -2.39
C ALA B 87 -39.61 -19.22 -3.10
N GLY B 88 -39.06 -18.88 -4.27
CA GLY B 88 -39.52 -17.72 -5.04
C GLY B 88 -38.81 -16.43 -4.69
N VAL B 89 -37.68 -16.53 -4.00
CA VAL B 89 -36.94 -15.34 -3.57
C VAL B 89 -36.02 -14.92 -4.70
N VAL B 90 -35.74 -13.62 -4.78
CA VAL B 90 -34.62 -13.14 -5.57
C VAL B 90 -33.50 -12.82 -4.58
N VAL B 91 -32.35 -13.43 -4.84
CA VAL B 91 -31.21 -13.38 -3.93
C VAL B 91 -30.15 -12.45 -4.49
N VAL B 92 -29.72 -11.48 -3.69
CA VAL B 92 -28.51 -10.74 -4.01
C VAL B 92 -27.38 -11.26 -3.11
N ASP B 93 -26.38 -11.90 -3.70
CA ASP B 93 -25.34 -12.59 -2.92
C ASP B 93 -24.04 -11.78 -2.87
N ASN B 94 -23.62 -11.45 -1.65
CA ASN B 94 -22.32 -10.75 -1.43
C ASN B 94 -21.09 -11.63 -1.56
N THR B 95 -21.25 -12.95 -1.48
CA THR B 95 -20.10 -13.87 -1.47
C THR B 95 -19.57 -14.12 -2.87
N SER B 96 -18.43 -14.80 -2.93
CA SER B 96 -17.77 -15.09 -4.19
C SER B 96 -18.29 -16.38 -4.84
N TYR B 97 -19.15 -17.12 -4.14
CA TYR B 97 -19.53 -18.47 -4.59
C TYR B 97 -20.13 -18.56 -5.99
N PHE B 98 -21.09 -17.69 -6.29
CA PHE B 98 -21.83 -17.76 -7.53
C PHE B 98 -21.30 -16.84 -8.62
N ARG B 99 -20.21 -16.12 -8.35
CA ARG B 99 -19.79 -14.98 -9.20
C ARG B 99 -19.41 -15.37 -10.62
N GLN B 100 -18.83 -16.56 -10.79
CA GLN B 100 -18.34 -17.00 -12.08
C GLN B 100 -19.27 -18.03 -12.73
N ASN B 101 -20.50 -18.11 -12.22
CA ASN B 101 -21.54 -18.95 -12.80
C ASN B 101 -22.23 -18.17 -13.93
N PRO B 102 -22.22 -18.73 -15.17
CA PRO B 102 -22.74 -18.00 -16.33
C PRO B 102 -24.25 -17.74 -16.29
N ASP B 103 -24.98 -18.45 -15.44
CA ASP B 103 -26.37 -18.16 -15.17
C ASP B 103 -26.58 -17.05 -14.11
N VAL B 104 -25.50 -16.45 -13.60
CA VAL B 104 -25.60 -15.44 -12.54
C VAL B 104 -24.98 -14.12 -12.99
N PRO B 105 -25.79 -13.05 -13.06
CA PRO B 105 -25.21 -11.74 -13.35
C PRO B 105 -24.31 -11.27 -12.20
N LEU B 106 -23.16 -10.69 -12.55
CA LEU B 106 -22.20 -10.12 -11.61
C LEU B 106 -22.23 -8.62 -11.83
N VAL B 107 -22.84 -7.90 -10.90
CA VAL B 107 -23.30 -6.55 -11.23
C VAL B 107 -22.77 -5.41 -10.34
N VAL B 108 -22.32 -4.37 -11.03
CA VAL B 108 -22.14 -3.03 -10.44
C VAL B 108 -23.16 -2.16 -11.19
N PRO B 109 -24.22 -1.70 -10.52
CA PRO B 109 -25.35 -1.08 -11.27
C PRO B 109 -24.98 0.07 -12.23
N GLU B 110 -23.93 0.83 -11.93
CA GLU B 110 -23.53 1.94 -12.79
C GLU B 110 -22.85 1.47 -14.07
N VAL B 111 -22.43 0.22 -14.11
CA VAL B 111 -21.61 -0.28 -15.20
C VAL B 111 -22.37 -1.28 -16.07
N ASN B 112 -23.03 -2.25 -15.44
CA ASN B 112 -23.75 -3.29 -16.20
C ASN B 112 -25.10 -3.69 -15.61
N ALA B 113 -25.89 -2.69 -15.22
CA ALA B 113 -27.26 -2.94 -14.76
C ALA B 113 -28.07 -3.79 -15.72
N HIS B 114 -27.82 -3.65 -17.02
CA HIS B 114 -28.54 -4.40 -18.04
C HIS B 114 -28.46 -5.92 -17.85
N ALA B 115 -27.30 -6.39 -17.36
CA ALA B 115 -27.11 -7.82 -17.08
C ALA B 115 -28.14 -8.39 -16.10
N LEU B 116 -28.74 -7.54 -15.27
CA LEU B 116 -29.79 -7.95 -14.34
C LEU B 116 -31.04 -8.54 -15.01
N ASP B 117 -31.35 -8.09 -16.22
CA ASP B 117 -32.61 -8.45 -16.89
C ASP B 117 -32.77 -9.96 -17.10
N ALA B 118 -31.65 -10.65 -17.31
CA ALA B 118 -31.67 -12.09 -17.58
C ALA B 118 -31.44 -12.96 -16.33
N HIS B 119 -31.58 -12.40 -15.13
CA HIS B 119 -31.28 -13.18 -13.92
C HIS B 119 -32.20 -14.38 -13.70
N ASN B 120 -31.63 -15.41 -13.06
CA ASN B 120 -32.31 -16.66 -12.76
C ASN B 120 -32.52 -16.86 -11.26
N GLY B 121 -32.59 -15.76 -10.52
CA GLY B 121 -32.97 -15.74 -9.11
C GLY B 121 -31.82 -15.37 -8.16
N ILE B 122 -30.61 -15.35 -8.69
CA ILE B 122 -29.42 -14.98 -7.95
C ILE B 122 -28.66 -13.90 -8.71
N ILE B 123 -28.42 -12.76 -8.06
CA ILE B 123 -27.50 -11.75 -8.58
C ILE B 123 -26.31 -11.72 -7.64
N ALA B 124 -25.08 -11.76 -8.19
CA ALA B 124 -23.86 -11.65 -7.38
C ALA B 124 -23.32 -10.23 -7.33
N CYS B 125 -23.05 -9.78 -6.13
CA CYS B 125 -22.28 -8.58 -5.91
C CYS B 125 -20.82 -8.96 -6.06
N PRO B 126 -20.01 -8.14 -6.78
CA PRO B 126 -18.60 -8.50 -6.88
C PRO B 126 -17.78 -8.25 -5.64
N ASN B 127 -16.50 -8.58 -5.74
CA ASN B 127 -15.50 -8.28 -4.73
C ASN B 127 -15.39 -6.76 -4.49
N CYS B 128 -15.23 -6.34 -3.23
CA CYS B 128 -15.12 -4.91 -2.91
C CYS B 128 -14.06 -4.19 -3.74
N SER B 129 -12.86 -4.76 -3.78
CA SER B 129 -11.76 -4.12 -4.50
CA SER B 129 -11.76 -4.12 -4.49
C SER B 129 -12.06 -4.00 -5.98
N THR B 130 -12.76 -4.99 -6.55
CA THR B 130 -13.14 -4.91 -7.96
C THR B 130 -14.17 -3.81 -8.23
N ILE B 131 -15.16 -3.71 -7.35
CA ILE B 131 -16.27 -2.80 -7.56
C ILE B 131 -15.77 -1.37 -7.70
N GLN B 132 -14.92 -0.92 -6.76
CA GLN B 132 -14.49 0.46 -6.77
C GLN B 132 -13.59 0.73 -7.97
N MET B 133 -12.83 -0.27 -8.39
CA MET B 133 -12.01 -0.11 -9.58
C MET B 133 -12.90 0.07 -10.83
N MET B 134 -13.97 -0.71 -10.91
CA MET B 134 -14.91 -0.65 -12.06
C MET B 134 -15.62 0.70 -12.15
N VAL B 135 -16.03 1.24 -11.01
CA VAL B 135 -16.66 2.57 -10.98
C VAL B 135 -15.70 3.62 -11.51
N ALA B 136 -14.44 3.54 -11.11
CA ALA B 136 -13.41 4.49 -11.57
C ALA B 136 -13.04 4.36 -13.04
N LEU B 137 -13.00 3.13 -13.56
CA LEU B 137 -12.45 2.88 -14.90
C LEU B 137 -13.48 2.79 -16.03
N GLU B 138 -14.71 2.39 -15.73
CA GLU B 138 -15.76 2.32 -16.75
C GLU B 138 -15.91 3.59 -17.60
N PRO B 139 -15.88 4.80 -16.98
CA PRO B 139 -15.99 6.01 -17.80
C PRO B 139 -14.80 6.21 -18.75
N VAL B 140 -13.64 5.69 -18.38
CA VAL B 140 -12.45 5.80 -19.23
C VAL B 140 -12.60 4.77 -20.35
N ARG B 141 -12.99 3.56 -19.98
CA ARG B 141 -13.17 2.49 -20.98
C ARG B 141 -14.18 2.91 -22.05
N GLN B 142 -15.28 3.53 -21.63
CA GLN B 142 -16.33 3.98 -22.55
C GLN B 142 -15.81 4.91 -23.66
N LYS B 143 -14.87 5.80 -23.32
CA LYS B 143 -14.41 6.81 -24.27
C LYS B 143 -13.10 6.46 -24.98
N TRP B 144 -12.18 5.77 -24.31
CA TRP B 144 -10.87 5.51 -24.91
C TRP B 144 -10.43 4.05 -24.86
N GLY B 145 -11.26 3.19 -24.26
CA GLY B 145 -10.96 1.76 -24.20
C GLY B 145 -9.99 1.43 -23.08
N LEU B 146 -9.86 0.13 -22.82
CA LEU B 146 -8.92 -0.40 -21.83
C LEU B 146 -8.21 -1.61 -22.40
N ASP B 147 -6.90 -1.49 -22.50
CA ASP B 147 -6.06 -2.56 -22.97
C ASP B 147 -5.56 -3.41 -21.81
N ARG B 148 -5.12 -2.75 -20.73
CA ARG B 148 -4.62 -3.51 -19.58
C ARG B 148 -4.77 -2.72 -18.27
N ILE B 149 -4.81 -3.45 -17.16
CA ILE B 149 -4.82 -2.86 -15.82
C ILE B 149 -3.74 -3.56 -15.00
N ILE B 150 -3.03 -2.79 -14.20
CA ILE B 150 -2.16 -3.34 -13.16
C ILE B 150 -2.53 -2.58 -11.89
N VAL B 151 -2.88 -3.30 -10.83
CA VAL B 151 -3.35 -2.66 -9.61
C VAL B 151 -2.66 -3.24 -8.36
N SER B 152 -2.37 -2.36 -7.41
CA SER B 152 -1.81 -2.74 -6.12
C SER B 152 -2.77 -2.13 -5.11
N THR B 153 -3.30 -2.96 -4.22
CA THR B 153 -4.34 -2.51 -3.31
C THR B 153 -3.80 -2.33 -1.89
N TYR B 154 -4.53 -1.51 -1.16
CA TYR B 154 -4.23 -1.12 0.21
C TYR B 154 -5.53 -1.33 0.99
N GLN B 155 -5.75 -2.59 1.40
CA GLN B 155 -7.07 -3.01 1.91
C GLN B 155 -7.22 -2.97 3.41
N ALA B 156 -8.39 -2.47 3.82
CA ALA B 156 -8.78 -2.34 5.22
C ALA B 156 -9.10 -3.69 5.81
N VAL B 157 -8.90 -3.82 7.12
CA VAL B 157 -9.14 -5.07 7.82
C VAL B 157 -10.63 -5.41 7.95
N SER B 158 -11.52 -4.43 7.92
CA SER B 158 -12.97 -4.75 7.98
C SER B 158 -13.42 -5.69 6.85
N GLY B 159 -12.63 -5.75 5.79
CA GLY B 159 -12.93 -6.65 4.68
C GLY B 159 -12.88 -8.13 5.04
N ALA B 160 -12.13 -8.45 6.10
CA ALA B 160 -12.00 -9.80 6.61
C ALA B 160 -12.97 -10.13 7.74
N GLY B 161 -13.84 -9.20 8.10
CA GLY B 161 -14.91 -9.49 9.04
C GLY B 161 -14.71 -8.85 10.40
N MET B 162 -15.70 -8.99 11.25
CA MET B 162 -15.71 -8.34 12.53
C MET B 162 -14.52 -8.80 13.38
N GLY B 163 -14.19 -10.08 13.27
CA GLY B 163 -13.15 -10.68 14.08
C GLY B 163 -11.78 -10.09 13.74
N ALA B 164 -11.58 -9.82 12.45
CA ALA B 164 -10.35 -9.18 11.98
C ALA B 164 -10.24 -7.75 12.48
N ILE B 165 -11.34 -7.02 12.54
CA ILE B 165 -11.31 -5.66 13.08
C ILE B 165 -10.85 -5.68 14.54
N LEU B 166 -11.42 -6.59 15.31
CA LEU B 166 -11.14 -6.62 16.75
C LEU B 166 -9.72 -7.09 17.02
N GLU B 167 -9.26 -8.09 16.26
CA GLU B 167 -7.87 -8.56 16.35
C GLU B 167 -6.89 -7.43 16.03
N THR B 168 -7.23 -6.59 15.05
CA THR B 168 -6.37 -5.48 14.67
C THR B 168 -6.27 -4.46 15.80
N GLN B 169 -7.42 -4.16 16.41
CA GLN B 169 -7.45 -3.18 17.49
C GLN B 169 -6.71 -3.69 18.74
N ARG B 170 -6.86 -4.97 19.06
CA ARG B 170 -6.21 -5.55 20.22
C ARG B 170 -4.68 -5.52 20.01
N GLU B 171 -4.23 -5.97 18.85
CA GLU B 171 -2.80 -5.94 18.50
C GLU B 171 -2.18 -4.57 18.68
N LEU B 172 -2.82 -3.56 18.12
CA LEU B 172 -2.29 -2.21 18.20
C LEU B 172 -2.20 -1.68 19.64
N ARG B 173 -3.17 -2.04 20.47
CA ARG B 173 -3.15 -1.67 21.89
CA ARG B 173 -3.13 -1.64 21.87
C ARG B 173 -2.00 -2.36 22.61
N GLU B 174 -1.71 -3.62 22.25
CA GLU B 174 -0.63 -4.34 22.91
C GLU B 174 0.72 -3.68 22.57
N VAL B 175 0.83 -3.17 21.35
CA VAL B 175 2.07 -2.51 20.94
C VAL B 175 2.20 -1.16 21.63
N LEU B 176 1.21 -0.29 21.46
CA LEU B 176 1.26 1.07 22.00
C LEU B 176 1.09 1.16 23.52
N ASN B 177 0.35 0.23 24.12
CA ASN B 177 0.06 0.27 25.56
C ASN B 177 0.95 -0.65 26.41
N ASP B 178 1.23 -1.87 25.93
CA ASP B 178 2.04 -2.83 26.67
C ASP B 178 3.48 -2.92 26.16
N GLY B 179 3.78 -2.18 25.10
CA GLY B 179 5.14 -2.16 24.54
C GLY B 179 5.56 -3.44 23.83
N VAL B 180 4.61 -4.29 23.47
CA VAL B 180 4.95 -5.52 22.75
C VAL B 180 5.52 -5.18 21.38
N LYS B 181 6.57 -5.86 20.96
CA LYS B 181 7.09 -5.64 19.61
C LYS B 181 6.14 -6.28 18.59
N PRO B 182 5.83 -5.58 17.47
CA PRO B 182 4.85 -6.13 16.53
C PRO B 182 5.16 -7.54 16.04
N CYS B 183 6.43 -7.85 15.79
CA CYS B 183 6.80 -9.18 15.36
C CYS B 183 6.52 -10.23 16.44
N ASP B 184 6.32 -9.81 17.70
CA ASP B 184 6.03 -10.78 18.77
C ASP B 184 4.54 -11.01 19.05
N LEU B 185 3.67 -10.33 18.32
CA LEU B 185 2.21 -10.42 18.56
C LEU B 185 1.61 -11.79 18.22
N HIS B 186 0.58 -12.15 18.98
CA HIS B 186 -0.16 -13.37 18.66
C HIS B 186 -1.34 -13.03 17.75
N ALA B 187 -1.51 -13.78 16.67
CA ALA B 187 -2.57 -13.56 15.70
C ALA B 187 -3.33 -14.86 15.43
N GLU B 188 -4.64 -14.76 15.21
CA GLU B 188 -5.52 -15.91 14.96
C GLU B 188 -6.31 -15.87 13.62
N ILE B 189 -6.52 -14.68 13.07
CA ILE B 189 -7.38 -14.53 11.89
C ILE B 189 -6.59 -14.11 10.66
N LEU B 190 -6.04 -12.90 10.71
CA LEU B 190 -5.33 -12.37 9.54
C LEU B 190 -4.03 -13.13 9.29
N PRO B 191 -3.60 -13.20 8.02
CA PRO B 191 -4.24 -12.53 6.84
C PRO B 191 -5.51 -13.20 6.30
N SER B 192 -5.68 -14.50 6.54
CA SER B 192 -6.87 -15.24 6.09
C SER B 192 -7.33 -16.26 7.13
N GLY B 193 -8.57 -16.10 7.58
CA GLY B 193 -9.14 -16.92 8.65
C GLY B 193 -9.10 -18.40 8.32
N GLY B 194 -9.21 -18.73 7.04
CA GLY B 194 -9.19 -20.10 6.57
C GLY B 194 -7.84 -20.69 6.23
N ASP B 195 -6.78 -19.91 6.32
CA ASP B 195 -5.45 -20.44 6.00
C ASP B 195 -4.76 -20.95 7.27
N LYS B 196 -3.64 -21.64 7.09
CA LYS B 196 -3.00 -22.39 8.17
C LYS B 196 -2.25 -21.51 9.17
N LYS B 197 -1.54 -20.50 8.69
CA LYS B 197 -0.76 -19.61 9.55
C LYS B 197 -1.35 -18.22 9.61
N HIS B 198 -1.19 -17.57 10.76
CA HIS B 198 -1.74 -16.24 10.98
C HIS B 198 -0.62 -15.29 11.39
N TYR B 199 -0.70 -14.04 10.94
CA TYR B 199 0.35 -13.05 11.18
C TYR B 199 -0.25 -11.74 11.67
N PRO B 200 0.50 -11.00 12.51
CA PRO B 200 0.09 -9.68 12.96
C PRO B 200 -0.09 -8.71 11.81
N ILE B 201 -1.08 -7.84 11.93
CA ILE B 201 -1.32 -6.76 10.95
C ILE B 201 -0.86 -5.40 11.53
N ALA B 202 -0.77 -5.30 12.85
CA ALA B 202 -0.38 -4.05 13.49
C ALA B 202 1.00 -3.59 12.98
N PHE B 203 1.07 -2.34 12.53
CA PHE B 203 2.30 -1.78 11.96
C PHE B 203 2.95 -2.67 10.89
N ASN B 204 2.11 -3.37 10.14
CA ASN B 204 2.57 -4.31 9.12
C ASN B 204 1.84 -4.06 7.80
N ALA B 205 2.33 -4.69 6.74
CA ALA B 205 1.65 -4.75 5.46
C ALA B 205 1.72 -6.21 5.01
N LEU B 206 0.59 -6.88 4.96
CA LEU B 206 0.57 -8.32 4.59
C LEU B 206 0.13 -8.50 3.14
N PRO B 207 1.06 -8.91 2.27
CA PRO B 207 0.73 -9.15 0.87
C PRO B 207 0.00 -10.50 0.68
N GLN B 208 -1.06 -10.73 1.43
CA GLN B 208 -1.89 -11.88 1.23
C GLN B 208 -3.29 -11.52 1.64
N ILE B 209 -4.22 -11.56 0.68
CA ILE B 209 -5.65 -11.51 0.95
C ILE B 209 -6.27 -12.77 0.38
N ASP B 210 -7.07 -13.47 1.19
CA ASP B 210 -7.59 -14.83 0.86
C ASP B 210 -6.45 -15.84 0.76
N VAL B 211 -6.75 -17.04 0.28
CA VAL B 211 -5.73 -18.07 0.15
C VAL B 211 -5.08 -18.05 -1.22
N PHE B 212 -3.94 -18.72 -1.33
CA PHE B 212 -3.21 -18.79 -2.57
C PHE B 212 -3.86 -19.76 -3.57
N THR B 213 -3.83 -19.37 -4.84
CA THR B 213 -4.26 -20.25 -5.92
C THR B 213 -3.05 -20.90 -6.52
N ASP B 214 -3.30 -21.94 -7.30
CA ASP B 214 -2.27 -22.71 -7.96
C ASP B 214 -1.25 -21.89 -8.78
N ASN B 215 -1.61 -20.69 -9.25
CA ASN B 215 -0.66 -19.89 -10.04
C ASN B 215 0.15 -18.84 -9.22
N ASP B 216 0.09 -18.92 -7.90
CA ASP B 216 0.84 -18.06 -6.97
C ASP B 216 0.30 -16.63 -6.82
N TYR B 217 -0.82 -16.35 -7.49
CA TYR B 217 -1.65 -15.21 -7.12
C TYR B 217 -2.64 -15.74 -6.09
N THR B 218 -3.06 -14.86 -5.18
CA THR B 218 -4.10 -15.21 -4.23
C THR B 218 -5.47 -15.18 -4.90
N TYR B 219 -6.47 -15.75 -4.21
CA TYR B 219 -7.84 -15.74 -4.76
C TYR B 219 -8.34 -14.32 -4.90
N GLU B 220 -7.96 -13.42 -3.98
CA GLU B 220 -8.38 -12.03 -4.08
C GLU B 220 -7.90 -11.43 -5.38
N GLU B 221 -6.62 -11.62 -5.68
CA GLU B 221 -6.03 -11.09 -6.89
C GLU B 221 -6.70 -11.65 -8.17
N MET B 222 -6.93 -12.95 -8.18
CA MET B 222 -7.60 -13.58 -9.33
C MET B 222 -9.08 -13.18 -9.47
N LYS B 223 -9.77 -12.94 -8.35
CA LYS B 223 -11.11 -12.38 -8.42
C LYS B 223 -11.09 -11.02 -9.12
N MET B 224 -10.09 -10.18 -8.81
CA MET B 224 -9.99 -8.88 -9.47
C MET B 224 -9.84 -9.06 -10.99
N THR B 225 -9.02 -10.04 -11.37
CA THR B 225 -8.82 -10.36 -12.79
C THR B 225 -10.11 -10.86 -13.45
N LYS B 226 -10.70 -11.92 -12.89
CA LYS B 226 -11.83 -12.58 -13.54
C LYS B 226 -13.12 -11.77 -13.43
N GLU B 227 -13.36 -11.14 -12.28
CA GLU B 227 -14.55 -10.34 -12.13
C GLU B 227 -14.56 -9.12 -13.03
N THR B 228 -13.40 -8.51 -13.26
CA THR B 228 -13.28 -7.36 -14.14
C THR B 228 -13.71 -7.74 -15.55
N LYS B 229 -13.22 -8.88 -16.02
CA LYS B 229 -13.50 -9.32 -17.39
C LYS B 229 -14.99 -9.56 -17.57
N LYS B 230 -15.61 -10.21 -16.59
CA LYS B 230 -17.05 -10.48 -16.63
C LYS B 230 -17.90 -9.19 -16.53
N ILE B 231 -17.54 -8.28 -15.63
CA ILE B 231 -18.31 -7.05 -15.44
C ILE B 231 -18.30 -6.19 -16.69
N MET B 232 -17.12 -5.95 -17.24
CA MET B 232 -17.00 -5.13 -18.43
C MET B 232 -17.22 -5.93 -19.74
N GLU B 233 -17.47 -7.24 -19.60
CA GLU B 233 -17.80 -8.13 -20.71
C GLU B 233 -16.75 -8.02 -21.81
N ASP B 234 -15.49 -8.28 -21.44
CA ASP B 234 -14.37 -8.19 -22.36
C ASP B 234 -13.18 -8.93 -21.76
N ASP B 235 -12.99 -10.18 -22.19
CA ASP B 235 -11.88 -11.04 -21.75
C ASP B 235 -10.51 -10.61 -22.28
N SER B 236 -10.47 -9.63 -23.17
CA SER B 236 -9.21 -9.18 -23.72
C SER B 236 -8.52 -8.13 -22.84
N ILE B 237 -9.25 -7.61 -21.85
CA ILE B 237 -8.61 -6.68 -20.90
C ILE B 237 -7.68 -7.47 -19.99
N ALA B 238 -6.39 -7.22 -20.12
CA ALA B 238 -5.36 -7.86 -19.29
C ALA B 238 -5.35 -7.21 -17.91
N VAL B 239 -5.55 -8.03 -16.87
CA VAL B 239 -5.61 -7.56 -15.49
C VAL B 239 -4.72 -8.40 -14.56
N SER B 240 -3.77 -7.75 -13.91
CA SER B 240 -2.91 -8.38 -12.88
C SER B 240 -2.91 -7.52 -11.61
N ALA B 241 -3.03 -8.19 -10.46
CA ALA B 241 -3.21 -7.52 -9.17
C ALA B 241 -2.22 -8.02 -8.14
N THR B 242 -1.89 -7.12 -7.21
CA THR B 242 -1.23 -7.44 -5.95
C THR B 242 -2.13 -6.88 -4.88
N CYS B 243 -2.59 -7.74 -3.98
CA CYS B 243 -3.54 -7.35 -2.97
C CYS B 243 -2.91 -7.41 -1.60
N VAL B 244 -2.94 -6.28 -0.88
CA VAL B 244 -2.20 -6.12 0.34
C VAL B 244 -3.12 -5.60 1.44
N ARG B 245 -3.00 -6.19 2.63
CA ARG B 245 -3.75 -5.74 3.78
C ARG B 245 -2.90 -4.77 4.58
N ILE B 246 -3.49 -3.65 4.99
CA ILE B 246 -2.77 -2.67 5.80
C ILE B 246 -3.58 -2.29 7.00
N PRO B 247 -2.94 -1.60 7.97
CA PRO B 247 -3.62 -1.33 9.22
C PRO B 247 -4.61 -0.16 9.12
N VAL B 248 -5.64 -0.37 8.30
CA VAL B 248 -6.76 0.54 8.13
C VAL B 248 -8.01 -0.24 8.55
N LEU B 249 -8.89 0.40 9.34
CA LEU B 249 -10.11 -0.31 9.76
C LEU B 249 -11.12 -0.41 8.63
N SER B 250 -11.40 0.70 7.96
CA SER B 250 -12.34 0.70 6.85
C SER B 250 -11.91 1.62 5.71
N ALA B 251 -12.31 1.22 4.50
CA ALA B 251 -12.05 1.91 3.21
C ALA B 251 -10.82 1.35 2.56
N HIS B 252 -10.99 0.78 1.35
CA HIS B 252 -9.88 0.28 0.55
C HIS B 252 -9.32 1.38 -0.34
N SER B 253 -8.00 1.38 -0.51
CA SER B 253 -7.34 2.28 -1.43
C SER B 253 -6.63 1.45 -2.49
N GLU B 254 -6.58 1.96 -3.72
CA GLU B 254 -5.89 1.26 -4.81
C GLU B 254 -5.04 2.17 -5.68
N SER B 255 -3.82 1.75 -5.92
CA SER B 255 -2.96 2.36 -6.92
C SER B 255 -3.20 1.62 -8.25
N VAL B 256 -3.83 2.31 -9.19
CA VAL B 256 -4.31 1.71 -10.42
C VAL B 256 -3.56 2.29 -11.59
N TYR B 257 -3.05 1.40 -12.44
CA TYR B 257 -2.39 1.76 -13.66
C TYR B 257 -3.16 1.12 -14.79
N ILE B 258 -3.43 1.90 -15.82
CA ILE B 258 -4.13 1.41 -16.99
C ILE B 258 -3.38 1.83 -18.24
N GLU B 259 -3.57 1.05 -19.29
CA GLU B 259 -3.27 1.51 -20.63
C GLU B 259 -4.55 1.45 -21.45
N THR B 260 -4.92 2.59 -22.01
CA THR B 260 -6.12 2.72 -22.80
C THR B 260 -5.84 2.24 -24.25
N LYS B 261 -6.89 2.16 -25.06
CA LYS B 261 -6.71 1.80 -26.47
C LYS B 261 -6.34 3.00 -27.32
N GLU B 262 -6.82 4.17 -26.95
CA GLU B 262 -6.47 5.42 -27.59
C GLU B 262 -6.00 6.36 -26.51
N VAL B 263 -5.16 7.33 -26.90
CA VAL B 263 -4.62 8.29 -25.95
C VAL B 263 -5.73 9.13 -25.34
N ALA B 264 -5.80 9.16 -24.02
CA ALA B 264 -6.84 9.89 -23.30
C ALA B 264 -6.24 11.11 -22.59
N PRO B 265 -6.48 12.32 -23.14
CA PRO B 265 -6.04 13.55 -22.48
C PRO B 265 -6.43 13.56 -21.01
N ILE B 266 -5.49 13.87 -20.13
CA ILE B 266 -5.73 13.73 -18.69
C ILE B 266 -6.87 14.64 -18.23
N GLU B 267 -6.98 15.84 -18.79
CA GLU B 267 -8.08 16.72 -18.36
C GLU B 267 -9.45 16.17 -18.75
N GLU B 268 -9.51 15.47 -19.88
CA GLU B 268 -10.73 14.79 -20.29
C GLU B 268 -11.02 13.56 -19.43
N VAL B 269 -9.98 12.85 -19.02
CA VAL B 269 -10.15 11.67 -18.15
C VAL B 269 -10.76 12.11 -16.83
N LYS B 270 -10.21 13.19 -16.26
CA LYS B 270 -10.74 13.80 -15.04
C LYS B 270 -12.20 14.19 -15.20
N ALA B 271 -12.53 14.88 -16.30
CA ALA B 271 -13.91 15.27 -16.56
C ALA B 271 -14.82 14.04 -16.70
N ALA B 272 -14.37 13.03 -17.42
CA ALA B 272 -15.17 11.82 -17.63
C ALA B 272 -15.46 11.07 -16.31
N ILE B 273 -14.45 10.95 -15.46
CA ILE B 273 -14.66 10.35 -14.13
C ILE B 273 -15.59 11.21 -13.26
N ALA B 274 -15.37 12.51 -13.24
CA ALA B 274 -16.26 13.43 -12.53
C ALA B 274 -17.71 13.29 -13.00
N ALA B 275 -17.92 13.08 -14.29
CA ALA B 275 -19.27 12.96 -14.86
C ALA B 275 -19.96 11.61 -14.61
N PHE B 276 -19.19 10.59 -14.22
CA PHE B 276 -19.72 9.24 -14.06
C PHE B 276 -20.44 9.08 -12.72
N PRO B 277 -21.68 8.58 -12.74
CA PRO B 277 -22.41 8.35 -11.49
C PRO B 277 -21.75 7.36 -10.52
N GLY B 278 -21.63 7.76 -9.26
CA GLY B 278 -20.97 6.98 -8.22
C GLY B 278 -19.48 7.26 -8.08
N ALA B 279 -18.89 7.99 -9.04
CA ALA B 279 -17.48 8.37 -8.98
C ALA B 279 -17.37 9.87 -8.64
N VAL B 280 -16.55 10.19 -7.66
CA VAL B 280 -16.25 11.59 -7.32
C VAL B 280 -14.81 11.90 -7.59
N LEU B 281 -14.57 12.94 -8.38
CA LEU B 281 -13.23 13.45 -8.64
C LEU B 281 -12.73 14.27 -7.46
N GLU B 282 -11.64 13.82 -6.83
CA GLU B 282 -11.00 14.54 -5.76
C GLU B 282 -9.53 14.67 -6.13
N ASP B 283 -9.20 15.71 -6.88
CA ASP B 283 -7.90 15.78 -7.51
C ASP B 283 -7.56 17.23 -7.73
N ASP B 284 -6.83 17.79 -6.78
CA ASP B 284 -6.34 19.16 -6.85
C ASP B 284 -5.01 19.16 -6.08
N VAL B 285 -3.93 18.76 -6.76
CA VAL B 285 -2.64 18.60 -6.08
C VAL B 285 -2.04 19.90 -5.55
N ALA B 286 -2.38 21.03 -6.16
CA ALA B 286 -1.93 22.33 -5.66
C ALA B 286 -2.40 22.56 -4.21
N HIS B 287 -3.53 21.97 -3.81
CA HIS B 287 -4.05 22.07 -2.46
C HIS B 287 -4.01 20.71 -1.75
N GLN B 288 -3.14 19.82 -2.22
CA GLN B 288 -2.99 18.49 -1.66
C GLN B 288 -4.32 17.76 -1.48
N ILE B 289 -5.17 17.85 -2.50
CA ILE B 289 -6.44 17.15 -2.49
C ILE B 289 -6.31 15.85 -3.27
N TYR B 290 -6.66 14.75 -2.59
CA TYR B 290 -6.70 13.41 -3.18
C TYR B 290 -7.55 12.54 -2.29
N PRO B 291 -7.99 11.39 -2.81
CA PRO B 291 -8.84 10.52 -2.00
C PRO B 291 -8.07 10.00 -0.77
N GLN B 292 -8.78 9.86 0.35
CA GLN B 292 -8.17 9.32 1.58
C GLN B 292 -9.13 8.38 2.25
N ALA B 293 -8.62 7.22 2.66
CA ALA B 293 -9.44 6.21 3.34
C ALA B 293 -10.30 6.83 4.44
N ILE B 294 -9.69 7.61 5.32
CA ILE B 294 -10.45 8.11 6.48
C ILE B 294 -11.61 9.05 6.09
N ASN B 295 -11.49 9.76 4.98
CA ASN B 295 -12.57 10.62 4.52
C ASN B 295 -13.68 9.90 3.80
N ALA B 296 -13.40 8.73 3.25
CA ALA B 296 -14.32 7.96 2.45
C ALA B 296 -15.28 7.15 3.31
N VAL B 297 -14.87 6.79 4.53
CA VAL B 297 -15.72 6.02 5.44
C VAL B 297 -17.08 6.67 5.64
N GLY B 298 -18.11 5.88 5.46
CA GLY B 298 -19.49 6.34 5.59
C GLY B 298 -20.12 6.88 4.31
N SER B 299 -19.34 7.04 3.24
CA SER B 299 -19.89 7.52 1.94
C SER B 299 -20.04 6.38 0.95
N ARG B 300 -21.12 6.46 0.18
CA ARG B 300 -21.44 5.49 -0.88
C ARG B 300 -20.62 5.72 -2.14
N ASP B 301 -19.99 6.89 -2.22
CA ASP B 301 -19.30 7.31 -3.44
C ASP B 301 -17.93 6.63 -3.50
N THR B 302 -17.36 6.61 -4.70
CA THR B 302 -16.02 6.14 -4.95
C THR B 302 -15.16 7.32 -5.40
N PHE B 303 -13.99 7.50 -4.78
CA PHE B 303 -13.26 8.76 -4.89
C PHE B 303 -11.98 8.51 -5.68
N VAL B 304 -11.74 9.35 -6.67
CA VAL B 304 -10.61 9.17 -7.57
C VAL B 304 -9.78 10.42 -7.66
N GLY B 305 -8.46 10.23 -7.61
CA GLY B 305 -7.51 11.30 -7.74
C GLY B 305 -6.13 10.79 -8.12
N ARG B 306 -5.13 11.64 -7.88
CA ARG B 306 -3.75 11.43 -8.35
C ARG B 306 -3.69 11.02 -9.82
N ILE B 307 -4.60 11.57 -10.64
CA ILE B 307 -4.70 11.15 -12.02
C ILE B 307 -3.56 11.81 -12.82
N ARG B 308 -2.82 11.02 -13.57
CA ARG B 308 -1.62 11.51 -14.27
C ARG B 308 -1.10 10.52 -15.32
N LYS B 309 -0.50 11.07 -16.37
CA LYS B 309 0.10 10.27 -17.45
C LYS B 309 1.25 9.46 -16.91
N ASP B 310 1.44 8.26 -17.44
CA ASP B 310 2.69 7.57 -17.24
C ASP B 310 3.81 8.44 -17.81
N LEU B 311 5.01 8.33 -17.25
CA LEU B 311 6.13 9.15 -17.69
C LEU B 311 6.69 8.70 -19.03
N ASP B 312 6.32 7.49 -19.49
CA ASP B 312 6.91 6.89 -20.69
C ASP B 312 5.93 6.25 -21.68
N ALA B 313 4.96 5.51 -21.18
CA ALA B 313 3.97 4.84 -22.00
C ALA B 313 2.96 5.87 -22.50
N GLU B 314 2.87 6.04 -23.81
CA GLU B 314 1.98 7.04 -24.40
C GLU B 314 0.52 6.91 -23.89
N LYS B 315 0.02 5.69 -23.77
CA LYS B 315 -1.37 5.42 -23.37
C LYS B 315 -1.57 5.02 -21.90
N GLY B 316 -0.51 5.12 -21.09
CA GLY B 316 -0.54 4.71 -19.70
C GLY B 316 -1.03 5.84 -18.80
N ILE B 317 -1.83 5.51 -17.80
CA ILE B 317 -2.35 6.48 -16.84
C ILE B 317 -2.33 5.83 -15.46
N HIS B 318 -2.00 6.62 -14.43
CA HIS B 318 -2.01 6.16 -13.04
C HIS B 318 -3.05 6.98 -12.29
N MET B 319 -3.65 6.37 -11.28
CA MET B 319 -4.61 7.03 -10.40
C MET B 319 -4.69 6.31 -9.05
N TRP B 320 -5.43 6.94 -8.15
CA TRP B 320 -5.62 6.48 -6.79
C TRP B 320 -7.12 6.45 -6.56
N VAL B 321 -7.62 5.28 -6.16
CA VAL B 321 -9.06 5.04 -6.03
C VAL B 321 -9.36 4.57 -4.62
N VAL B 322 -10.35 5.20 -3.97
CA VAL B 322 -10.70 4.89 -2.58
C VAL B 322 -12.23 4.78 -2.42
N SER B 323 -12.68 3.75 -1.73
CA SER B 323 -14.08 3.68 -1.31
C SER B 323 -14.23 2.86 -0.04
N ASP B 324 -15.32 3.11 0.67
CA ASP B 324 -15.66 2.35 1.88
C ASP B 324 -16.00 0.93 1.42
N ASN B 325 -15.22 -0.05 1.87
CA ASN B 325 -15.34 -1.46 1.41
C ASN B 325 -16.59 -2.17 1.95
N LEU B 326 -17.20 -1.59 2.97
CA LEU B 326 -18.46 -2.14 3.48
C LEU B 326 -19.71 -1.46 2.88
N LEU B 327 -19.54 -0.35 2.16
CA LEU B 327 -20.68 0.33 1.53
C LEU B 327 -20.64 0.03 0.06
N LYS B 328 -20.05 0.90 -0.79
CA LYS B 328 -19.97 0.57 -2.19
C LYS B 328 -19.30 -0.78 -2.40
N GLY B 329 -18.39 -1.16 -1.51
CA GLY B 329 -17.70 -2.44 -1.66
C GLY B 329 -18.53 -3.67 -1.31
N ALA B 330 -19.65 -3.50 -0.61
CA ALA B 330 -20.51 -4.62 -0.21
C ALA B 330 -21.99 -4.25 -0.02
N ALA B 331 -22.31 -3.64 1.12
CA ALA B 331 -23.70 -3.49 1.50
C ALA B 331 -24.46 -2.48 0.63
N TRP B 332 -23.81 -1.40 0.20
CA TRP B 332 -24.48 -0.43 -0.65
C TRP B 332 -24.61 -0.96 -2.05
N ASN B 333 -23.57 -1.61 -2.57
CA ASN B 333 -23.71 -2.20 -3.88
C ASN B 333 -24.90 -3.18 -3.92
N SER B 334 -25.03 -4.00 -2.87
CA SER B 334 -26.12 -4.97 -2.77
C SER B 334 -27.50 -4.34 -2.70
N VAL B 335 -27.66 -3.33 -1.84
CA VAL B 335 -28.93 -2.63 -1.70
C VAL B 335 -29.24 -1.86 -2.99
N GLN B 336 -28.20 -1.32 -3.63
CA GLN B 336 -28.36 -0.62 -4.89
C GLN B 336 -28.83 -1.59 -5.99
N ILE B 337 -28.29 -2.81 -5.98
CA ILE B 337 -28.78 -3.87 -6.88
C ILE B 337 -30.27 -4.12 -6.61
N ALA B 338 -30.64 -4.22 -5.34
CA ALA B 338 -32.03 -4.48 -4.98
C ALA B 338 -32.95 -3.34 -5.41
N GLU B 339 -32.52 -2.10 -5.21
CA GLU B 339 -33.31 -0.97 -5.65
C GLU B 339 -33.45 -0.99 -7.18
N THR B 340 -32.38 -1.37 -7.87
CA THR B 340 -32.38 -1.45 -9.33
C THR B 340 -33.36 -2.57 -9.80
N LEU B 341 -33.33 -3.70 -9.11
CA LEU B 341 -34.28 -4.79 -9.39
C LEU B 341 -35.73 -4.34 -9.21
N HIS B 342 -36.01 -3.60 -8.13
CA HIS B 342 -37.34 -3.03 -7.91
C HIS B 342 -37.73 -2.09 -9.04
N GLU B 343 -36.83 -1.20 -9.40
CA GLU B 343 -37.10 -0.15 -10.38
C GLU B 343 -37.37 -0.71 -11.76
N ARG B 344 -36.76 -1.86 -12.06
CA ARG B 344 -36.88 -2.47 -13.36
C ARG B 344 -37.87 -3.62 -13.42
N GLY B 345 -38.68 -3.79 -12.38
CA GLY B 345 -39.70 -4.82 -12.36
C GLY B 345 -39.15 -6.25 -12.35
N LEU B 346 -37.99 -6.47 -11.72
CA LEU B 346 -37.32 -7.77 -11.74
C LEU B 346 -37.38 -8.54 -10.42
N VAL B 347 -38.15 -8.05 -9.45
CA VAL B 347 -38.33 -8.76 -8.19
C VAL B 347 -39.52 -9.70 -8.39
N ARG B 348 -39.25 -10.89 -8.90
CA ARG B 348 -40.27 -11.92 -9.02
C ARG B 348 -39.61 -13.29 -9.04
N PRO B 349 -40.36 -14.32 -8.61
CA PRO B 349 -39.83 -15.70 -8.62
C PRO B 349 -39.35 -16.13 -9.98
N THR B 350 -38.29 -16.92 -10.01
CA THR B 350 -37.78 -17.48 -11.26
C THR B 350 -38.65 -18.66 -11.68
N ALA B 351 -38.74 -18.87 -13.00
CA ALA B 351 -39.50 -19.99 -13.55
C ALA B 351 -38.75 -21.29 -13.32
N GLU B 352 -37.53 -21.35 -13.88
CA GLU B 352 -36.69 -22.55 -13.82
C GLU B 352 -35.61 -22.40 -12.75
N LEU B 353 -35.26 -23.53 -12.12
CA LEU B 353 -34.15 -23.60 -11.18
C LEU B 353 -32.89 -24.02 -11.92
N LYS B 354 -31.82 -23.23 -11.79
CA LYS B 354 -30.53 -23.57 -12.40
C LYS B 354 -29.49 -23.99 -11.36
N PHE B 355 -29.89 -24.02 -10.09
CA PHE B 355 -28.95 -24.19 -8.99
C PHE B 355 -29.30 -25.39 -8.11
N GLU B 356 -28.34 -26.32 -7.98
CA GLU B 356 -28.52 -27.55 -7.20
C GLU B 356 -28.91 -27.29 -5.76
N LEU B 357 -29.74 -28.17 -5.20
CA LEU B 357 -30.08 -28.12 -3.77
C LEU B 357 -29.12 -29.01 -2.98
N LYS B 358 -28.28 -28.41 -2.14
CA LYS B 358 -27.29 -29.17 -1.35
C LYS B 358 -27.73 -29.37 0.10
NA NA C . 21.34 -12.90 -1.51
NA NA D . 42.20 -1.90 0.35
PA NAP E . 14.63 13.85 12.15
O1A NAP E . 13.66 15.01 12.21
O2A NAP E . 14.37 12.63 12.97
O5B NAP E . 16.08 14.46 12.53
C5B NAP E . 16.55 15.68 11.99
C4B NAP E . 18.04 15.75 12.31
O4B NAP E . 18.63 16.84 11.60
C3B NAP E . 18.29 16.02 13.78
O3B NAP E . 19.51 15.41 14.17
C2B NAP E . 18.43 17.52 13.84
O2B NAP E . 19.15 18.02 14.96
C1B NAP E . 19.16 17.77 12.54
N9A NAP E . 19.03 19.16 12.10
C8A NAP E . 17.92 19.85 11.79
N7A NAP E . 18.25 21.12 11.43
C5A NAP E . 19.58 21.23 11.50
C6A NAP E . 20.58 22.27 11.26
N6A NAP E . 20.22 23.50 10.85
N1A NAP E . 21.88 21.97 11.45
C2A NAP E . 22.28 20.75 11.85
N3A NAP E . 21.43 19.76 12.10
C4A NAP E . 20.10 19.94 11.93
O3 NAP E . 14.86 13.41 10.63
PN NAP E . 15.52 12.01 10.12
O1N NAP E . 14.43 11.00 9.82
O2N NAP E . 16.68 11.55 10.95
O5D NAP E . 16.10 12.48 8.71
C5D NAP E . 16.77 13.72 8.55
C4D NAP E . 17.21 13.82 7.09
O4D NAP E . 17.92 12.63 6.66
C3D NAP E . 16.03 13.94 6.14
O3D NAP E . 15.48 15.25 6.10
C2D NAP E . 16.63 13.45 4.85
O2D NAP E . 17.36 14.47 4.16
C1D NAP E . 17.60 12.35 5.30
N1N NAP E . 16.93 11.05 5.15
C2N NAP E . 17.18 10.28 4.09
C3N NAP E . 16.56 9.05 3.94
C7N NAP E . 16.80 8.15 2.76
O7N NAP E . 15.83 7.69 2.18
N7N NAP E . 18.04 7.87 2.34
C4N NAP E . 15.65 8.61 4.90
C5N NAP E . 15.39 9.42 5.98
C6N NAP E . 16.04 10.64 6.08
P2B NAP E . 18.39 18.66 16.22
O1X NAP E . 17.99 17.45 17.03
O2X NAP E . 19.41 19.55 16.88
O3X NAP E . 17.20 19.37 15.67
C ACT F . 10.45 8.55 3.25
O ACT F . 9.86 9.59 3.67
OXT ACT F . 10.24 7.42 3.69
CH3 ACT F . 11.45 8.68 2.17
C7 3JM G . 13.58 11.59 2.76
O19 3JM G . 15.74 18.59 4.08
C15 3JM G . 14.69 18.01 3.78
O16 3JM G . 13.55 18.48 3.95
C14 3JM G . 14.85 16.63 3.18
C13 3JM G . 13.56 15.84 3.32
C4 3JM G . 13.64 14.35 3.07
C3 3JM G . 14.45 13.74 2.09
C10 3JM G . 15.38 14.56 1.22
O12 3JM G . 16.59 14.62 1.51
O11 3JM G . 14.96 15.19 0.24
C5 3JM G . 12.79 13.57 3.87
C6 3JM G . 12.77 12.19 3.72
C2 3JM G . 14.43 12.34 1.95
C1 3JM G . 15.25 11.59 0.93
O8 3JM G . 15.96 10.65 1.30
O9 3JM G . 15.18 11.87 -0.29
NA NA H . -6.02 -6.02 -23.98
PA NAP I . -18.34 -11.73 9.97
O1A NAP I . -18.18 -10.23 10.05
O2A NAP I . -17.63 -12.51 8.89
O5B NAP I . -19.90 -12.05 9.84
C5B NAP I . -20.33 -13.31 9.33
C4B NAP I . -21.85 -13.40 9.42
O4B NAP I . -22.31 -14.62 8.81
C3B NAP I . -22.36 -13.41 10.84
O3B NAP I . -23.48 -12.55 10.96
C2B NAP I . -22.75 -14.84 11.12
O2B NAP I . -23.85 -14.94 12.03
C1B NAP I . -23.12 -15.35 9.74
N9A NAP I . -22.88 -16.80 9.60
C8A NAP I . -21.70 -17.44 9.69
N7A NAP I . -21.87 -18.77 9.51
C5A NAP I . -23.17 -19.01 9.29
C6A NAP I . -24.03 -20.18 9.02
N6A NAP I . -23.52 -21.42 8.95
N1A NAP I . -25.36 -19.96 8.85
C2A NAP I . -25.90 -18.73 8.92
N3A NAP I . -25.17 -17.63 9.17
C4A NAP I . -23.84 -17.70 9.35
O3 NAP I . -17.98 -12.33 11.43
PN NAP I . -16.64 -13.15 11.75
O1N NAP I . -15.42 -12.26 11.61
O2N NAP I . -16.73 -14.50 11.08
O5D NAP I . -16.74 -13.42 13.35
C5D NAP I . -17.88 -14.08 13.88
C4D NAP I . -19.08 -13.57 13.10
O4D NAP I . -19.86 -14.68 12.67
C3D NAP I . -19.95 -12.69 13.97
O3D NAP I . -19.93 -11.33 13.54
C2D NAP I . -21.33 -13.30 13.85
O2D NAP I . -22.07 -12.60 12.84
C1D NAP I . -21.03 -14.73 13.48
N1N NAP I . -20.68 -15.45 14.71
C2N NAP I . -19.48 -16.02 14.80
C3N NAP I . -19.09 -16.69 15.95
C7N NAP I . -17.72 -17.33 16.01
O7N NAP I . -17.41 -18.15 15.18
N7N NAP I . -16.85 -16.97 16.95
C4N NAP I . -19.97 -16.76 17.02
C5N NAP I . -21.22 -16.16 16.89
C6N NAP I . -21.57 -15.50 15.72
P2B NAP I . -23.58 -15.48 13.52
O1X NAP I . -23.13 -14.25 14.28
O2X NAP I . -24.92 -16.03 13.97
O3X NAP I . -22.52 -16.53 13.33
PA NAP J . -18.33 -11.30 9.72
O1A NAP J . -17.41 -12.35 10.32
O2A NAP J . -18.33 -9.91 10.31
O5B NAP J . -19.85 -11.81 9.75
C5B NAP J . -20.20 -13.19 9.54
C4B NAP J . -21.72 -13.32 9.41
O4B NAP J . -22.06 -14.59 8.85
C3B NAP J . -22.45 -13.25 10.75
O3B NAP J . -23.71 -12.58 10.57
C2B NAP J . -22.66 -14.71 11.10
O2B NAP J . -23.70 -14.98 12.05
C1B NAP J . -22.99 -15.23 9.72
N9A NAP J . -22.86 -16.70 9.68
C8A NAP J . -21.75 -17.42 9.91
N7A NAP J . -22.01 -18.74 9.79
C5A NAP J . -23.33 -18.88 9.49
C6A NAP J . -24.29 -19.98 9.23
N6A NAP J . -23.88 -21.28 9.27
N1A NAP J . -25.56 -19.66 8.96
C2A NAP J . -26.00 -18.40 8.91
N3A NAP J . -25.19 -17.34 9.14
C4A NAP J . -23.87 -17.51 9.43
O3 NAP J . -18.01 -11.21 8.14
PN NAP J . -18.48 -9.98 7.17
O1N NAP J . -17.34 -9.05 6.88
O2N NAP J . -19.77 -9.38 7.63
O5D NAP J . -18.67 -10.86 5.85
C5D NAP J . -19.35 -12.10 5.77
C4D NAP J . -19.24 -12.53 4.32
O4D NAP J . -19.73 -11.51 3.43
C3D NAP J . -17.81 -12.77 3.89
O3D NAP J . -17.34 -14.07 4.22
C2D NAP J . -17.86 -12.54 2.40
O2D NAP J . -18.26 -13.74 1.72
C1D NAP J . -18.92 -11.46 2.24
N1N NAP J . -18.22 -10.19 2.05
C2N NAP J . -18.10 -9.71 0.81
C3N NAP J . -17.46 -8.51 0.57
C7N NAP J . -17.32 -7.98 -0.83
O7N NAP J . -16.20 -7.88 -1.27
N7N NAP J . -18.41 -7.65 -1.53
C4N NAP J . -16.90 -7.80 1.63
C5N NAP J . -17.02 -8.30 2.91
C6N NAP J . -17.69 -9.51 3.10
P2B NAP J . -23.36 -15.29 13.61
O1X NAP J . -23.20 -13.92 14.22
O2X NAP J . -24.57 -16.04 14.12
O3X NAP J . -22.10 -16.11 13.56
C ACT K . -15.22 -11.59 -1.25
O ACT K . -15.93 -10.56 -1.33
OXT ACT K . -14.82 -12.16 -2.29
CH3 ACT K . -14.84 -12.12 0.11
#